data_8IEO
#
_entry.id   8IEO
#
_cell.length_a   1.00
_cell.length_b   1.00
_cell.length_c   1.00
_cell.angle_alpha   90.00
_cell.angle_beta   90.00
_cell.angle_gamma   90.00
#
_symmetry.space_group_name_H-M   'P 1'
#
loop_
_entity.id
_entity.type
_entity.pdbx_description
1 polymer 'Polyamine-transporting ATPase 13A2'
2 non-polymer 'TETRAFLUOROALUMINATE ION'
3 non-polymer 'MAGNESIUM ION'
4 non-polymer SPERMINE
#
_entity_poly.entity_id   1
_entity_poly.type   'polypeptide(L)'
_entity_poly.pdbx_seq_one_letter_code
;MSADSSPLVGSTPTGYGTLTIGTSIDPLSSSVSSVRLSGYCGSPWRVIGYHVVVWMMAGIPLLLFRWKPLWGVRLRLRPC
NLAHAETLVIEIRDKEDSSWQLFTVQVQTEAIGEGSLEPSPQSQAEDGRSQAAVGAVPEGAWKDTAQLHKSEEAVSVGQK
RVLRYYLFQGQRYIWIETQQAFYQVSLLDHGRSCDDVHRSRHGLSLQDQMVRKAIYGPNVISIPVKSYPQLLVDEALNPY
YGFQAFSIALWLADHYYWYALCIFLISSISICLSLYKTRKQSQTLRDMVKLSMRVCVCRPGGEEEWVDSSELVPGDCLVL
PQEGGLMPCDAALVAGECMVNESSLTGESIPVLKTALPEGLGPYCAETHRRHTLFCGTLILQARAYVGPHVLAVVTRTGF
CTAKGGLVSSILHPRPINFKFYKHSMKFVAALSVLALLGTIYSIFILYRNRVPLNEIVIRALDLVTVVVPPALPAAMTVC
TLYAQSRLRRQGIFCIHPLRINLGGKLQLVCFDKTGTLTEDGLDVMGVVPLKGQAFLPLVPEPRRLPVGPLLRALATCHA
LSRLQDTPVGDPMDLKMVESTGWVLEEEPAADSAFGTQVLAVMRPPLWEPQLQAMEEPPVPVSVLHRFPFSSALQRMSVV
VAWPGATQPEAYVKGSPELVAGLCNPETVPTDFAQMLQSYTAAGYRVVALASKPLPTVPSLEAAQQLTRDTVEGDLSLLG
LLVMRNLLKPQTTPVIQALRRTRIRAVMVTGDNLQTAVTVARGCGMVAPQEHLIIVHATHPERGQPASLEFLPMESPTAV
NGVKDPDQAASYTVEPDPRSRHLALSGPTFGIIVKHFPKLLPKVLVQGTVFARMAPEQKTELVCELQKLQYCVGMCGDGA
NDCGALKAADVGISLSQAEASVVSPFTSSMASIECVPMVIREGRCSLDTSFSVFKYMALYSLTQFISVLILYTINTNLGD
LQFLAIDLVITTTVAVLMSRTGPALVLGRVRPPGALLSVPVLSSLLLQMVLVTGVQLGGYFLTLAQPWFVPLNRTVAAPD
NLPNYENTVVFSLSSFQYLILAAAVSKGAPFRRPLYTNVPFLVALALLSSVLVGLVLVPGLLQGPLALRNITDTGFKLLL
LGLVTLNFVGAFMLESVLDQCLPACLRRLRPKRASKKRFKQLERELAEQPWPPLPAGPLR
;
_entity_poly.pdbx_strand_id   P
#
loop_
_chem_comp.id
_chem_comp.type
_chem_comp.name
_chem_comp.formula
ALF non-polymer 'TETRAFLUOROALUMINATE ION' 'Al F4 -1'
MG non-polymer 'MAGNESIUM ION' 'Mg 2'
SPM non-polymer SPERMINE 'C10 H26 N4'
#
# COMPACT_ATOMS: atom_id res chain seq x y z
N ARG A 36 16.51 -9.41 -18.05
CA ARG A 36 15.34 -9.75 -18.91
C ARG A 36 15.30 -8.85 -20.14
N LEU A 37 15.89 -9.32 -21.23
CA LEU A 37 15.93 -8.56 -22.46
C LEU A 37 14.59 -8.65 -23.19
N SER A 38 14.40 -7.77 -24.17
CA SER A 38 13.17 -7.73 -24.96
C SER A 38 13.48 -7.18 -26.34
N GLY A 39 12.57 -7.44 -27.27
CA GLY A 39 12.73 -6.98 -28.64
C GLY A 39 11.51 -6.26 -29.15
N TYR A 40 11.49 -5.95 -30.44
CA TYR A 40 10.37 -5.25 -31.05
C TYR A 40 10.17 -5.75 -32.47
N CYS A 41 8.91 -5.81 -32.89
CA CYS A 41 8.57 -6.24 -34.25
C CYS A 41 7.20 -5.70 -34.60
N GLY A 42 6.92 -5.66 -35.89
CA GLY A 42 5.64 -5.17 -36.37
C GLY A 42 5.69 -4.93 -37.86
N SER A 43 4.56 -4.43 -38.37
CA SER A 43 4.41 -4.12 -39.79
C SER A 43 3.30 -3.10 -39.95
N PRO A 44 3.30 -2.34 -41.04
CA PRO A 44 2.26 -1.33 -41.26
C PRO A 44 0.95 -1.97 -41.70
N TRP A 45 -0.09 -1.15 -41.72
CA TRP A 45 -1.41 -1.63 -42.12
C TRP A 45 -1.41 -2.06 -43.59
N ARG A 46 -2.21 -3.08 -43.88
CA ARG A 46 -2.32 -3.61 -45.23
C ARG A 46 -3.41 -2.87 -46.00
N VAL A 47 -3.47 -3.14 -47.30
CA VAL A 47 -4.47 -2.53 -48.16
C VAL A 47 -5.83 -3.15 -47.89
N ILE A 48 -6.88 -2.50 -48.40
CA ILE A 48 -8.23 -3.01 -48.20
C ILE A 48 -8.46 -4.24 -49.08
N GLY A 49 -9.46 -5.04 -48.69
CA GLY A 49 -9.78 -6.26 -49.41
C GLY A 49 -10.30 -7.34 -48.48
N TYR A 50 -9.68 -8.53 -48.53
CA TYR A 50 -10.07 -9.60 -47.64
C TYR A 50 -9.54 -9.38 -46.23
N HIS A 51 -8.56 -8.49 -46.06
CA HIS A 51 -8.00 -8.25 -44.74
C HIS A 51 -9.04 -7.65 -43.79
N VAL A 52 -9.82 -6.69 -44.29
CA VAL A 52 -10.88 -6.12 -43.46
C VAL A 52 -11.95 -7.17 -43.19
N VAL A 53 -12.22 -8.05 -44.15
CA VAL A 53 -13.21 -9.09 -43.93
C VAL A 53 -12.78 -10.01 -42.79
N VAL A 54 -11.51 -10.44 -42.81
CA VAL A 54 -11.03 -11.31 -41.74
C VAL A 54 -10.98 -10.57 -40.41
N TRP A 55 -10.62 -9.28 -40.44
CA TRP A 55 -10.61 -8.50 -39.19
C TRP A 55 -12.02 -8.43 -38.59
N MET A 56 -13.02 -8.22 -39.44
CA MET A 56 -14.40 -8.23 -38.96
C MET A 56 -14.78 -9.60 -38.44
N MET A 57 -14.28 -10.66 -39.09
CA MET A 57 -14.55 -12.02 -38.62
C MET A 57 -14.09 -12.20 -37.18
N ALA A 58 -12.93 -11.66 -36.83
CA ALA A 58 -12.36 -11.81 -35.50
C ALA A 58 -13.17 -11.13 -34.40
N GLY A 59 -14.27 -10.46 -34.75
CA GLY A 59 -15.08 -9.81 -33.74
C GLY A 59 -15.71 -10.79 -32.76
N ILE A 60 -16.29 -11.87 -33.26
CA ILE A 60 -17.03 -12.82 -32.42
C ILE A 60 -16.07 -13.78 -31.72
N PRO A 61 -15.12 -14.42 -32.42
CA PRO A 61 -14.29 -15.44 -31.77
C PRO A 61 -13.11 -14.90 -30.98
N LEU A 62 -13.09 -13.61 -30.64
CA LEU A 62 -11.98 -13.03 -29.89
C LEU A 62 -12.01 -13.41 -28.40
N LEU A 63 -12.91 -14.32 -28.00
CA LEU A 63 -12.97 -14.73 -26.60
C LEU A 63 -11.68 -15.41 -26.15
N LEU A 64 -10.89 -15.95 -27.07
CA LEU A 64 -9.63 -16.61 -26.74
C LEU A 64 -8.45 -15.66 -26.78
N PHE A 65 -8.68 -14.37 -27.08
CA PHE A 65 -7.59 -13.40 -27.13
C PHE A 65 -7.00 -13.10 -25.77
N ARG A 66 -7.69 -13.48 -24.69
CA ARG A 66 -7.16 -13.22 -23.35
C ARG A 66 -5.85 -13.95 -23.11
N TRP A 67 -5.75 -15.20 -23.56
CA TRP A 67 -4.56 -16.02 -23.36
C TRP A 67 -3.93 -16.33 -24.71
N LYS A 68 -2.59 -16.35 -24.73
CA LYS A 68 -1.85 -16.66 -25.94
C LYS A 68 -2.23 -15.70 -27.05
N PRO A 69 -1.87 -14.41 -26.93
CA PRO A 69 -2.23 -13.44 -27.97
C PRO A 69 -1.44 -13.57 -29.25
N LEU A 70 -0.46 -14.49 -29.32
CA LEU A 70 0.33 -14.63 -30.54
C LEU A 70 -0.57 -15.03 -31.72
N TRP A 71 -1.48 -15.97 -31.50
CA TRP A 71 -2.39 -16.38 -32.57
C TRP A 71 -3.26 -15.21 -33.01
N GLY A 72 -3.78 -14.44 -32.05
CA GLY A 72 -4.62 -13.32 -32.40
C GLY A 72 -3.88 -12.28 -33.22
N VAL A 73 -2.67 -11.93 -32.79
CA VAL A 73 -1.91 -10.92 -33.53
C VAL A 73 -1.51 -11.44 -34.91
N ARG A 74 -1.20 -12.72 -35.03
CA ARG A 74 -0.85 -13.26 -36.34
C ARG A 74 -2.07 -13.43 -37.24
N LEU A 75 -3.27 -13.42 -36.65
CA LEU A 75 -4.51 -13.54 -37.41
C LEU A 75 -5.07 -12.20 -37.85
N ARG A 76 -4.40 -11.10 -37.52
CA ARG A 76 -4.83 -9.76 -37.89
C ARG A 76 -3.87 -9.19 -38.94
N LEU A 77 -4.06 -7.92 -39.26
CA LEU A 77 -3.28 -7.25 -40.31
C LEU A 77 -1.88 -6.96 -39.75
N ARG A 78 -1.13 -8.04 -39.53
CA ARG A 78 0.24 -7.96 -39.03
C ARG A 78 1.12 -8.86 -39.88
N PRO A 79 1.40 -8.46 -41.12
CA PRO A 79 2.25 -9.27 -41.99
C PRO A 79 3.73 -9.11 -41.63
N CYS A 80 4.59 -9.75 -42.41
CA CYS A 80 6.02 -9.67 -42.21
C CYS A 80 6.59 -8.53 -43.06
N ASN A 81 7.37 -7.66 -42.44
CA ASN A 81 7.95 -6.51 -43.12
C ASN A 81 9.32 -6.23 -42.50
N LEU A 82 9.89 -5.09 -42.85
CA LEU A 82 11.21 -4.71 -42.35
C LEU A 82 11.11 -4.24 -40.90
N ALA A 83 12.27 -4.18 -40.23
CA ALA A 83 12.33 -3.77 -38.83
C ALA A 83 12.32 -2.26 -38.65
N HIS A 84 12.48 -1.48 -39.72
CA HIS A 84 12.50 -0.03 -39.63
C HIS A 84 11.22 0.63 -40.13
N ALA A 85 10.38 -0.10 -40.86
CA ALA A 85 9.12 0.41 -41.39
C ALA A 85 7.92 -0.16 -40.64
N GLU A 86 8.09 -0.39 -39.34
CA GLU A 86 7.03 -0.97 -38.51
C GLU A 86 6.13 0.12 -37.95
N THR A 87 4.87 -0.24 -37.73
CA THR A 87 3.87 0.67 -37.18
C THR A 87 3.23 0.15 -35.90
N LEU A 88 2.99 -1.17 -35.82
CA LEU A 88 2.40 -1.79 -34.63
C LEU A 88 3.52 -2.47 -33.86
N VAL A 89 4.08 -1.78 -32.88
CA VAL A 89 5.21 -2.30 -32.11
C VAL A 89 4.68 -3.26 -31.05
N ILE A 90 5.23 -4.48 -31.03
CA ILE A 90 4.88 -5.50 -30.05
C ILE A 90 6.16 -6.10 -29.50
N GLU A 91 6.05 -6.70 -28.31
CA GLU A 91 7.19 -7.29 -27.63
C GLU A 91 7.28 -8.77 -27.95
N ILE A 92 8.47 -9.22 -28.34
CA ILE A 92 8.68 -10.63 -28.64
C ILE A 92 8.74 -11.44 -27.35
N ARG A 93 8.63 -12.75 -27.48
CA ARG A 93 8.66 -13.66 -26.33
C ARG A 93 10.10 -14.02 -25.97
N ASP A 94 10.89 -12.99 -25.68
CA ASP A 94 12.28 -13.16 -25.27
C ASP A 94 12.36 -13.16 -23.74
N LYS A 95 12.05 -14.32 -23.17
CA LYS A 95 12.03 -14.48 -21.71
C LYS A 95 11.05 -13.51 -21.06
N GLU A 96 9.94 -13.25 -21.76
CA GLU A 96 8.90 -12.36 -21.27
C GLU A 96 7.55 -13.02 -21.46
N ASP A 97 6.58 -12.63 -20.63
CA ASP A 97 5.23 -13.18 -20.66
C ASP A 97 4.21 -12.05 -20.67
N SER A 98 3.06 -12.33 -21.29
CA SER A 98 1.98 -11.37 -21.41
C SER A 98 2.46 -10.08 -22.08
N SER A 99 2.91 -10.22 -23.32
CA SER A 99 3.45 -9.09 -24.06
C SER A 99 2.38 -8.01 -24.23
N TRP A 100 2.81 -6.75 -24.13
CA TRP A 100 1.93 -5.60 -24.25
C TRP A 100 1.77 -5.22 -25.71
N GLN A 101 0.78 -4.37 -25.97
CA GLN A 101 0.50 -3.86 -27.31
C GLN A 101 0.32 -2.35 -27.26
N LEU A 102 0.82 -1.67 -28.29
CA LEU A 102 0.75 -0.21 -28.35
C LEU A 102 0.70 0.21 -29.81
N PHE A 103 0.21 1.43 -30.03
CA PHE A 103 0.09 2.02 -31.36
C PHE A 103 0.97 3.24 -31.45
N THR A 104 1.77 3.32 -32.51
CA THR A 104 2.66 4.47 -32.70
C THR A 104 1.85 5.73 -32.97
N VAL A 105 2.36 6.86 -32.51
CA VAL A 105 1.69 8.14 -32.69
C VAL A 105 2.26 8.83 -33.93
N GLN A 106 1.37 9.30 -34.80
CA GLN A 106 1.80 9.96 -36.03
C GLN A 106 2.52 11.27 -35.72
N VAL A 107 3.39 11.67 -36.64
CA VAL A 107 4.19 12.88 -36.51
C VAL A 107 3.63 13.93 -37.47
N GLN A 108 3.52 15.16 -36.98
CA GLN A 108 2.92 16.22 -37.79
C GLN A 108 3.72 16.49 -39.05
N THR A 109 5.05 16.49 -38.97
CA THR A 109 5.89 16.76 -40.12
C THR A 109 7.11 15.84 -40.09
N GLU A 110 7.47 15.32 -41.26
CA GLU A 110 8.62 14.43 -41.39
C GLU A 110 9.88 15.20 -41.78
N ALA A 111 9.81 15.97 -42.85
CA ALA A 111 10.96 16.75 -43.31
C ALA A 111 10.52 18.13 -43.79
N GLU A 139 28.89 9.39 -34.49
CA GLU A 139 28.13 9.15 -33.24
C GLU A 139 28.93 9.60 -32.01
N GLY A 140 28.28 10.37 -31.14
CA GLY A 140 28.93 10.86 -29.94
C GLY A 140 28.12 10.59 -28.69
N ALA A 141 27.43 9.45 -28.66
CA ALA A 141 26.58 9.06 -27.53
C ALA A 141 25.49 10.11 -27.28
N TRP A 142 24.72 10.36 -28.33
CA TRP A 142 23.62 11.32 -28.29
C TRP A 142 24.12 12.70 -27.88
N LYS A 143 24.97 13.27 -28.74
CA LYS A 143 25.47 14.62 -28.50
C LYS A 143 24.37 15.67 -28.56
N ASP A 144 23.25 15.36 -29.21
CA ASP A 144 22.14 16.30 -29.31
C ASP A 144 22.56 17.56 -30.05
N VAL A 155 21.82 14.16 -33.82
CA VAL A 155 20.90 13.12 -34.35
C VAL A 155 19.44 13.52 -34.12
N SER A 156 19.23 14.64 -33.43
CA SER A 156 17.89 15.12 -33.13
C SER A 156 17.68 16.59 -33.49
N VAL A 157 18.72 17.32 -33.86
CA VAL A 157 18.58 18.73 -34.20
C VAL A 157 18.01 18.84 -35.61
N GLY A 158 16.95 19.63 -35.75
CA GLY A 158 16.32 19.82 -37.05
C GLY A 158 15.42 18.65 -37.42
N GLN A 159 14.96 18.69 -38.68
CA GLN A 159 14.08 17.67 -39.20
C GLN A 159 14.90 16.56 -39.85
N LYS A 160 14.64 15.32 -39.45
CA LYS A 160 15.35 14.17 -39.98
C LYS A 160 14.58 13.57 -41.15
N ARG A 161 15.14 12.52 -41.75
CA ARG A 161 14.48 11.87 -42.88
C ARG A 161 13.13 11.29 -42.44
N VAL A 162 13.10 10.63 -41.29
CA VAL A 162 11.86 10.07 -40.75
C VAL A 162 11.91 10.17 -39.23
N LEU A 163 10.77 10.53 -38.64
CA LEU A 163 10.66 10.69 -37.20
C LEU A 163 9.47 9.86 -36.71
N ARG A 164 9.73 8.94 -35.80
CA ARG A 164 8.69 8.09 -35.23
C ARG A 164 8.93 7.94 -33.73
N TYR A 165 7.84 7.90 -32.96
CA TYR A 165 7.93 7.77 -31.52
C TYR A 165 6.67 7.08 -31.01
N TYR A 166 6.75 6.54 -29.80
CA TYR A 166 5.64 5.85 -29.18
C TYR A 166 5.76 5.95 -27.67
N LEU A 167 4.65 5.65 -26.99
CA LEU A 167 4.58 5.74 -25.54
C LEU A 167 4.74 4.36 -24.94
N PHE A 168 5.59 4.26 -23.90
CA PHE A 168 5.85 2.98 -23.25
C PHE A 168 6.41 3.27 -21.86
N GLN A 169 5.67 2.87 -20.83
CA GLN A 169 6.12 2.98 -19.44
C GLN A 169 6.50 4.43 -19.10
N GLY A 170 5.65 5.35 -19.52
CA GLY A 170 5.83 6.77 -19.22
C GLY A 170 6.57 7.50 -20.36
N GLN A 171 7.87 7.71 -20.18
CA GLN A 171 8.65 8.43 -21.18
C GLN A 171 8.59 7.73 -22.53
N ARG A 172 8.44 8.53 -23.58
CA ARG A 172 8.36 8.00 -24.93
C ARG A 172 9.74 7.56 -25.41
N TYR A 173 9.74 6.79 -26.50
CA TYR A 173 10.97 6.27 -27.11
C TYR A 173 11.12 6.89 -28.49
N ILE A 174 12.31 7.42 -28.77
CA ILE A 174 12.60 8.06 -30.05
C ILE A 174 13.32 7.06 -30.94
N TRP A 175 13.24 7.29 -32.24
CA TRP A 175 13.86 6.45 -33.25
C TRP A 175 15.07 7.17 -33.84
N ILE A 176 16.20 6.45 -33.93
CA ILE A 176 17.44 6.99 -34.48
C ILE A 176 17.76 6.22 -35.75
N GLU A 177 17.90 6.95 -36.87
CA GLU A 177 18.20 6.29 -38.14
C GLU A 177 19.57 5.64 -38.11
N THR A 178 20.56 6.31 -37.53
CA THR A 178 21.92 5.77 -37.49
C THR A 178 22.01 4.47 -36.70
N GLN A 179 21.35 4.36 -35.55
CA GLN A 179 21.41 3.16 -34.73
C GLN A 179 20.59 2.01 -35.31
N GLN A 180 19.61 2.30 -36.18
CA GLN A 180 18.77 1.27 -36.77
C GLN A 180 18.04 0.45 -35.70
N ALA A 181 17.74 1.07 -34.57
CA ALA A 181 17.06 0.40 -33.47
C ALA A 181 16.41 1.45 -32.58
N PHE A 182 15.48 0.99 -31.74
CA PHE A 182 14.79 1.86 -30.79
C PHE A 182 15.68 2.04 -29.58
N TYR A 183 16.23 3.24 -29.41
CA TYR A 183 17.15 3.51 -28.32
C TYR A 183 16.41 4.13 -27.14
N GLN A 184 16.50 3.48 -25.99
CA GLN A 184 15.83 3.96 -24.80
C GLN A 184 16.37 5.34 -24.39
N VAL A 185 15.47 6.24 -24.03
CA VAL A 185 15.86 7.59 -23.68
C VAL A 185 16.62 7.57 -22.36
N SER A 186 17.81 8.17 -22.36
CA SER A 186 18.64 8.27 -21.17
C SER A 186 19.20 9.68 -21.07
N LEU A 187 19.52 10.09 -19.85
CA LEU A 187 20.04 11.43 -19.61
C LEU A 187 21.50 11.50 -20.03
N LEU A 188 22.08 12.70 -19.91
CA LEU A 188 23.46 12.91 -20.31
C LEU A 188 24.44 12.05 -19.51
N ASP A 189 24.03 11.57 -18.34
CA ASP A 189 24.92 10.72 -17.55
C ASP A 189 25.28 9.44 -18.31
N HIS A 190 24.30 8.83 -18.98
CA HIS A 190 24.58 7.63 -19.75
C HIS A 190 25.52 7.92 -20.92
N GLY A 191 25.36 9.06 -21.57
CA GLY A 191 26.19 9.42 -22.71
C GLY A 191 27.56 9.95 -22.37
N ARG A 192 27.86 10.14 -21.09
CA ARG A 192 29.15 10.63 -20.63
C ARG A 192 29.48 11.98 -21.27
N SER A 193 28.66 12.97 -20.94
CA SER A 193 28.84 14.32 -21.46
C SER A 193 29.91 15.03 -20.64
N CYS A 194 30.94 15.53 -21.32
CA CYS A 194 32.02 16.21 -20.65
C CYS A 194 31.55 17.58 -20.12
N ASP A 195 32.23 18.05 -19.08
CA ASP A 195 31.90 19.32 -18.47
C ASP A 195 32.48 20.52 -19.23
N ASP A 196 33.42 20.28 -20.16
CA ASP A 196 34.00 21.39 -20.90
C ASP A 196 32.95 22.11 -21.74
N VAL A 197 32.06 21.35 -22.39
CA VAL A 197 31.02 21.97 -23.20
C VAL A 197 29.86 22.50 -22.38
N HIS A 198 29.79 22.16 -21.10
CA HIS A 198 28.72 22.62 -20.23
C HIS A 198 29.08 23.99 -19.66
N ARG A 199 28.24 24.49 -18.74
CA ARG A 199 28.47 25.79 -18.10
C ARG A 199 28.52 26.91 -19.14
N SER A 200 27.79 26.75 -20.25
CA SER A 200 27.77 27.76 -21.30
C SER A 200 26.37 28.01 -21.83
N ARG A 201 25.33 27.68 -21.07
CA ARG A 201 23.95 27.89 -21.49
C ARG A 201 23.50 29.25 -20.99
N HIS A 202 23.40 30.21 -21.92
CA HIS A 202 22.98 31.58 -21.61
C HIS A 202 21.60 31.87 -22.18
N GLY A 203 20.73 30.87 -22.19
CA GLY A 203 19.38 31.00 -22.71
C GLY A 203 19.19 30.22 -23.99
N LEU A 204 17.97 30.31 -24.51
CA LEU A 204 17.63 29.60 -25.75
C LEU A 204 18.45 30.15 -26.91
N SER A 205 18.97 29.25 -27.73
CA SER A 205 19.77 29.64 -28.89
C SER A 205 18.85 29.85 -30.08
N LEU A 206 19.44 30.02 -31.27
CA LEU A 206 18.65 30.23 -32.48
C LEU A 206 17.89 28.98 -32.91
N GLN A 207 18.17 27.83 -32.32
CA GLN A 207 17.48 26.60 -32.70
C GLN A 207 16.00 26.70 -32.36
N ASP A 208 15.18 26.04 -33.18
CA ASP A 208 13.74 26.08 -32.98
C ASP A 208 13.37 25.50 -31.61
N GLN A 209 12.48 26.20 -30.91
CA GLN A 209 12.05 25.75 -29.59
C GLN A 209 11.07 24.58 -29.68
N MET A 210 10.23 24.57 -30.72
CA MET A 210 9.21 23.53 -30.84
C MET A 210 9.82 22.15 -31.02
N VAL A 211 11.02 22.04 -31.59
CA VAL A 211 11.64 20.74 -31.80
C VAL A 211 11.90 20.06 -30.45
N ARG A 212 12.49 20.79 -29.51
CA ARG A 212 12.72 20.23 -28.18
C ARG A 212 11.41 19.93 -27.46
N LYS A 213 10.42 20.83 -27.59
CA LYS A 213 9.12 20.58 -26.97
C LYS A 213 8.47 19.32 -27.54
N ALA A 214 8.54 19.16 -28.86
CA ALA A 214 7.90 18.01 -29.50
C ALA A 214 8.61 16.70 -29.18
N ILE A 215 9.95 16.67 -29.30
CA ILE A 215 10.67 15.42 -29.09
C ILE A 215 10.57 14.97 -27.63
N TYR A 216 10.78 15.89 -26.70
CA TYR A 216 10.69 15.54 -25.28
C TYR A 216 9.24 15.44 -24.82
N GLY A 217 8.36 16.25 -25.39
CA GLY A 217 6.96 16.23 -25.02
C GLY A 217 6.67 17.22 -23.91
N PRO A 218 5.38 17.39 -23.60
CA PRO A 218 5.01 18.36 -22.55
C PRO A 218 5.49 17.93 -21.19
N ASN A 219 5.76 18.93 -20.34
CA ASN A 219 6.19 18.69 -18.97
C ASN A 219 4.99 18.53 -18.03
N VAL A 220 4.10 17.61 -18.37
CA VAL A 220 2.89 17.36 -17.60
C VAL A 220 2.72 15.85 -17.43
N ILE A 221 2.30 15.46 -16.23
CA ILE A 221 2.09 14.05 -15.90
C ILE A 221 0.76 13.63 -16.51
N SER A 222 0.81 12.74 -17.50
CA SER A 222 -0.39 12.28 -18.18
C SER A 222 -0.96 11.05 -17.47
N ILE A 223 -2.23 11.13 -17.09
CA ILE A 223 -2.91 10.01 -16.44
C ILE A 223 -4.21 9.75 -17.20
N PRO A 224 -4.44 8.52 -17.68
CA PRO A 224 -5.68 8.27 -18.43
C PRO A 224 -6.92 8.50 -17.58
N VAL A 225 -7.96 9.05 -18.21
CA VAL A 225 -9.21 9.28 -17.50
C VAL A 225 -9.91 7.96 -17.19
N LYS A 226 -9.87 7.01 -18.12
CA LYS A 226 -10.52 5.71 -17.96
C LYS A 226 -12.02 5.88 -17.68
N SER A 227 -12.71 6.46 -18.67
CA SER A 227 -14.13 6.70 -18.56
C SER A 227 -14.89 5.37 -18.59
N TYR A 228 -16.21 5.47 -18.44
CA TYR A 228 -17.05 4.27 -18.40
C TYR A 228 -16.89 3.41 -19.65
N PRO A 229 -16.97 3.95 -20.88
CA PRO A 229 -16.88 3.07 -22.06
C PRO A 229 -15.58 2.30 -22.14
N GLN A 230 -14.46 2.87 -21.67
CA GLN A 230 -13.17 2.21 -21.73
C GLN A 230 -12.78 1.56 -20.40
N LEU A 231 -13.70 1.51 -19.44
CA LEU A 231 -13.43 0.92 -18.13
C LEU A 231 -14.27 -0.32 -17.84
N LEU A 232 -15.50 -0.39 -18.35
CA LEU A 232 -16.35 -1.53 -18.07
C LEU A 232 -15.73 -2.83 -18.58
N VAL A 233 -15.24 -2.82 -19.83
CA VAL A 233 -14.69 -4.03 -20.42
C VAL A 233 -13.48 -4.51 -19.63
N ASP A 234 -12.75 -3.58 -19.01
CA ASP A 234 -11.52 -3.95 -18.31
C ASP A 234 -11.82 -4.68 -17.00
N GLU A 235 -12.91 -4.30 -16.32
CA GLU A 235 -13.20 -4.80 -14.98
C GLU A 235 -14.67 -5.25 -14.91
N ALA A 236 -15.10 -6.02 -15.90
CA ALA A 236 -16.44 -6.61 -15.90
C ALA A 236 -16.40 -8.05 -16.35
N LEU A 237 -15.20 -8.60 -16.56
CA LEU A 237 -15.02 -9.99 -17.01
C LEU A 237 -14.16 -10.72 -15.98
N ASN A 238 -14.81 -11.31 -14.99
CA ASN A 238 -14.15 -12.13 -13.99
C ASN A 238 -14.74 -13.54 -14.02
N PRO A 239 -14.02 -14.55 -13.54
CA PRO A 239 -14.51 -15.94 -13.65
C PRO A 239 -15.87 -16.15 -13.01
N TYR A 240 -16.09 -15.55 -11.84
CA TYR A 240 -17.40 -15.63 -11.20
C TYR A 240 -18.23 -14.40 -11.54
N TYR A 241 -18.29 -14.06 -12.83
CA TYR A 241 -19.14 -12.96 -13.29
C TYR A 241 -19.89 -13.36 -14.56
N GLY A 242 -19.37 -14.33 -15.30
CA GLY A 242 -20.05 -14.83 -16.48
C GLY A 242 -20.95 -15.99 -16.14
N PHE A 243 -20.51 -16.83 -15.20
CA PHE A 243 -21.35 -17.92 -14.73
C PHE A 243 -22.60 -17.40 -14.04
N GLN A 244 -22.47 -16.32 -13.27
CA GLN A 244 -23.64 -15.72 -12.63
C GLN A 244 -24.63 -15.21 -13.67
N ALA A 245 -24.13 -14.58 -14.74
CA ALA A 245 -25.02 -14.12 -15.81
C ALA A 245 -25.72 -15.30 -16.49
N PHE A 246 -24.98 -16.39 -16.72
CA PHE A 246 -25.59 -17.56 -17.33
C PHE A 246 -26.69 -18.13 -16.43
N SER A 247 -26.43 -18.21 -15.12
CA SER A 247 -27.44 -18.69 -14.19
C SER A 247 -28.66 -17.78 -14.18
N ILE A 248 -28.44 -16.46 -14.22
CA ILE A 248 -29.56 -15.52 -14.22
C ILE A 248 -30.40 -15.73 -15.48
N ALA A 249 -29.74 -15.87 -16.63
CA ALA A 249 -30.48 -16.11 -17.88
C ALA A 249 -31.21 -17.44 -17.83
N LEU A 250 -30.64 -18.44 -17.14
CA LEU A 250 -31.28 -19.75 -17.07
C LEU A 250 -32.63 -19.67 -16.38
N TRP A 251 -32.73 -18.91 -15.28
CA TRP A 251 -33.95 -18.86 -14.52
C TRP A 251 -35.15 -18.43 -15.35
N LEU A 252 -34.96 -17.52 -16.31
CA LEU A 252 -36.06 -17.04 -17.12
C LEU A 252 -36.72 -18.16 -17.92
N ALA A 253 -36.02 -19.29 -18.12
CA ALA A 253 -36.58 -20.37 -18.92
C ALA A 253 -37.63 -21.15 -18.14
N ASP A 254 -37.43 -21.33 -16.84
CA ASP A 254 -38.29 -22.19 -16.02
C ASP A 254 -38.78 -21.44 -14.78
N HIS A 255 -39.29 -20.23 -14.98
CA HIS A 255 -39.87 -19.45 -13.89
C HIS A 255 -38.83 -19.17 -12.82
N TYR A 256 -39.27 -18.98 -11.57
CA TYR A 256 -38.36 -18.69 -10.46
C TYR A 256 -37.76 -17.29 -10.62
N TYR A 257 -38.59 -16.33 -11.04
CA TYR A 257 -38.10 -14.99 -11.29
C TYR A 257 -37.73 -14.27 -9.98
N TRP A 258 -38.34 -14.69 -8.87
CA TRP A 258 -38.11 -13.99 -7.61
C TRP A 258 -36.65 -14.03 -7.20
N TYR A 259 -36.00 -15.19 -7.29
CA TYR A 259 -34.60 -15.31 -6.92
C TYR A 259 -33.67 -14.55 -7.87
N ALA A 260 -33.99 -14.54 -9.16
CA ALA A 260 -33.11 -13.89 -10.13
C ALA A 260 -33.01 -12.39 -9.87
N LEU A 261 -34.14 -11.75 -9.53
CA LEU A 261 -34.12 -10.30 -9.30
C LEU A 261 -33.24 -9.95 -8.12
N CYS A 262 -33.29 -10.74 -7.05
CA CYS A 262 -32.49 -10.45 -5.87
C CYS A 262 -31.00 -10.45 -6.16
N ILE A 263 -30.52 -11.42 -6.94
CA ILE A 263 -29.11 -11.46 -7.32
C ILE A 263 -28.79 -10.34 -8.31
N PHE A 264 -29.69 -10.10 -9.27
CA PHE A 264 -29.42 -9.12 -10.31
C PHE A 264 -29.27 -7.72 -9.71
N LEU A 265 -30.16 -7.34 -8.81
CA LEU A 265 -30.10 -6.00 -8.23
C LEU A 265 -28.82 -5.79 -7.44
N ILE A 266 -28.42 -6.77 -6.64
CA ILE A 266 -27.21 -6.63 -5.85
C ILE A 266 -25.98 -6.61 -6.75
N SER A 267 -25.97 -7.42 -7.81
CA SER A 267 -24.84 -7.40 -8.74
C SER A 267 -24.74 -6.04 -9.43
N SER A 268 -25.86 -5.49 -9.87
CA SER A 268 -25.84 -4.18 -10.51
C SER A 268 -25.37 -3.10 -9.54
N ILE A 269 -25.83 -3.15 -8.29
CA ILE A 269 -25.42 -2.16 -7.30
C ILE A 269 -23.93 -2.26 -7.04
N SER A 270 -23.41 -3.48 -6.91
CA SER A 270 -21.98 -3.67 -6.69
C SER A 270 -21.17 -3.16 -7.86
N ILE A 271 -21.62 -3.44 -9.09
CA ILE A 271 -20.90 -2.99 -10.28
C ILE A 271 -20.88 -1.46 -10.32
N CYS A 272 -22.02 -0.84 -10.05
CA CYS A 272 -22.09 0.63 -10.06
C CYS A 272 -21.18 1.23 -8.99
N LEU A 273 -21.19 0.64 -7.79
CA LEU A 273 -20.33 1.14 -6.72
C LEU A 273 -18.86 1.01 -7.09
N SER A 274 -18.47 -0.13 -7.66
CA SER A 274 -17.09 -0.33 -8.06
C SER A 274 -16.68 0.68 -9.14
N LEU A 275 -17.56 0.91 -10.12
CA LEU A 275 -17.25 1.87 -11.16
C LEU A 275 -17.10 3.28 -10.59
N TYR A 276 -18.00 3.67 -9.68
CA TYR A 276 -17.91 4.98 -9.07
C TYR A 276 -16.62 5.13 -8.27
N LYS A 277 -16.26 4.10 -7.50
CA LYS A 277 -15.02 4.16 -6.72
C LYS A 277 -13.80 4.27 -7.63
N THR A 278 -13.78 3.49 -8.71
CA THR A 278 -12.65 3.58 -9.65
C THR A 278 -12.57 4.96 -10.29
N ARG A 279 -13.72 5.53 -10.68
CA ARG A 279 -13.72 6.85 -11.27
C ARG A 279 -13.21 7.90 -10.27
N LYS A 280 -13.65 7.81 -9.01
CA LYS A 280 -13.20 8.75 -8.00
C LYS A 280 -11.69 8.61 -7.78
N GLN A 281 -11.19 7.37 -7.71
CA GLN A 281 -9.77 7.16 -7.53
C GLN A 281 -8.97 7.76 -8.69
N SER A 282 -9.42 7.53 -9.92
CA SER A 282 -8.73 8.08 -11.07
C SER A 282 -8.75 9.60 -11.05
N GLN A 283 -9.91 10.20 -10.72
CA GLN A 283 -10.02 11.64 -10.69
C GLN A 283 -9.11 12.25 -9.64
N THR A 284 -9.08 11.67 -8.44
CA THR A 284 -8.22 12.22 -7.39
C THR A 284 -6.74 11.99 -7.68
N LEU A 285 -6.39 10.87 -8.32
CA LEU A 285 -5.00 10.68 -8.72
C LEU A 285 -4.57 11.68 -9.78
N ARG A 286 -5.44 11.94 -10.76
CA ARG A 286 -5.10 12.90 -11.81
C ARG A 286 -5.01 14.32 -11.26
N ASP A 287 -5.96 14.71 -10.40
CA ASP A 287 -5.95 16.06 -9.86
C ASP A 287 -4.82 16.27 -8.85
N MET A 288 -4.31 15.18 -8.27
CA MET A 288 -3.25 15.30 -7.27
C MET A 288 -1.99 15.91 -7.88
N VAL A 289 -1.65 15.49 -9.08
CA VAL A 289 -0.43 15.94 -9.75
C VAL A 289 -0.81 16.94 -10.83
N LYS A 290 -0.27 18.15 -10.74
CA LYS A 290 -0.51 19.20 -11.71
C LYS A 290 0.43 20.36 -11.43
N LEU A 291 0.94 20.98 -12.49
CA LEU A 291 1.85 22.11 -12.39
C LEU A 291 1.17 23.33 -12.97
N SER A 292 1.10 24.41 -12.19
CA SER A 292 0.50 25.68 -12.62
C SER A 292 1.33 26.80 -12.01
N MET A 293 2.32 27.27 -12.77
CA MET A 293 3.18 28.35 -12.31
C MET A 293 3.87 28.96 -13.52
N ARG A 294 4.38 30.18 -13.33
CA ARG A 294 5.10 30.91 -14.37
C ARG A 294 6.56 31.03 -13.94
N VAL A 295 7.47 30.64 -14.83
CA VAL A 295 8.89 30.69 -14.55
C VAL A 295 9.55 31.71 -15.46
N CYS A 296 10.72 32.19 -15.05
CA CYS A 296 11.48 33.19 -15.78
C CYS A 296 12.67 32.53 -16.46
N VAL A 297 12.84 32.80 -17.75
CA VAL A 297 13.94 32.26 -18.55
C VAL A 297 14.81 33.42 -19.00
N CYS A 298 16.10 33.35 -18.70
CA CYS A 298 17.04 34.41 -19.05
C CYS A 298 17.40 34.28 -20.52
N ARG A 299 16.87 35.18 -21.35
CA ARG A 299 17.15 35.15 -22.77
C ARG A 299 18.57 35.63 -23.04
N PRO A 300 19.18 35.21 -24.16
CA PRO A 300 20.54 35.66 -24.46
C PRO A 300 20.65 37.13 -24.81
N GLY A 301 19.54 37.82 -25.02
CA GLY A 301 19.58 39.23 -25.38
C GLY A 301 19.62 40.14 -24.17
N GLY A 302 18.70 41.11 -24.13
CA GLY A 302 18.66 42.06 -23.03
C GLY A 302 17.27 42.24 -22.45
N GLU A 303 16.44 41.19 -22.52
CA GLU A 303 15.10 41.25 -22.00
C GLU A 303 14.72 39.88 -21.45
N GLU A 304 13.75 39.88 -20.53
CA GLU A 304 13.26 38.67 -19.91
C GLU A 304 11.74 38.66 -19.94
N GLU A 305 11.16 37.49 -20.18
CA GLU A 305 9.71 37.32 -20.24
C GLU A 305 9.31 36.09 -19.44
N TRP A 306 8.08 36.11 -18.93
CA TRP A 306 7.53 35.01 -18.17
C TRP A 306 6.94 33.96 -19.09
N VAL A 307 7.19 32.69 -18.77
CA VAL A 307 6.69 31.57 -19.55
C VAL A 307 6.09 30.55 -18.59
N ASP A 308 5.19 29.72 -19.12
CA ASP A 308 4.54 28.71 -18.30
C ASP A 308 5.50 27.55 -18.03
N SER A 309 5.13 26.72 -17.05
CA SER A 309 5.94 25.59 -16.65
C SER A 309 5.71 24.36 -17.53
N SER A 310 4.80 24.43 -18.50
CA SER A 310 4.51 23.30 -19.37
C SER A 310 5.40 23.26 -20.61
N GLU A 311 6.35 24.19 -20.73
CA GLU A 311 7.24 24.21 -21.89
C GLU A 311 8.70 24.22 -21.44
N LEU A 312 9.04 23.33 -20.50
CA LEU A 312 10.39 23.24 -19.97
C LEU A 312 11.13 22.08 -20.63
N VAL A 313 12.30 22.38 -21.20
CA VAL A 313 13.11 21.38 -21.88
C VAL A 313 14.54 21.48 -21.37
N PRO A 314 15.33 20.41 -21.43
CA PRO A 314 16.71 20.49 -20.95
C PRO A 314 17.53 21.48 -21.77
N GLY A 315 18.50 22.09 -21.12
CA GLY A 315 19.36 23.08 -21.75
C GLY A 315 18.84 24.50 -21.69
N ASP A 316 17.82 24.77 -20.89
CA ASP A 316 17.25 26.10 -20.76
C ASP A 316 17.79 26.77 -19.50
N CYS A 317 17.99 28.09 -19.60
CA CYS A 317 18.50 28.89 -18.49
C CYS A 317 17.33 29.27 -17.58
N LEU A 318 17.33 28.74 -16.36
CA LEU A 318 16.27 28.99 -15.40
C LEU A 318 16.73 30.03 -14.38
N VAL A 319 15.82 30.94 -14.04
CA VAL A 319 16.07 32.00 -13.07
C VAL A 319 15.26 31.68 -11.82
N LEU A 320 15.93 31.61 -10.67
CA LEU A 320 15.27 31.30 -9.42
C LEU A 320 14.90 32.58 -8.69
N PRO A 321 13.61 32.87 -8.48
CA PRO A 321 13.24 34.09 -7.76
C PRO A 321 13.65 34.01 -6.29
N GLN A 322 13.86 35.20 -5.72
CA GLN A 322 14.28 35.28 -4.32
C GLN A 322 13.24 34.70 -3.37
N GLU A 323 11.98 34.64 -3.77
CA GLU A 323 10.89 34.12 -2.95
C GLU A 323 10.14 33.03 -3.70
N GLY A 324 10.88 32.12 -4.33
CA GLY A 324 10.27 31.05 -5.07
C GLY A 324 9.63 30.00 -4.17
N GLY A 325 8.74 29.22 -4.76
CA GLY A 325 8.04 28.18 -4.05
C GLY A 325 8.50 26.79 -4.43
N LEU A 326 7.61 26.00 -5.04
CA LEU A 326 7.94 24.65 -5.46
C LEU A 326 8.83 24.68 -6.70
N MET A 327 9.45 23.53 -6.98
CA MET A 327 10.34 23.39 -8.13
C MET A 327 9.60 22.68 -9.25
N PRO A 328 9.28 23.35 -10.35
CA PRO A 328 8.56 22.64 -11.44
C PRO A 328 9.34 21.48 -12.02
N CYS A 329 10.67 21.57 -12.08
CA CYS A 329 11.48 20.52 -12.66
C CYS A 329 12.89 20.59 -12.08
N ASP A 330 13.64 19.50 -12.25
CA ASP A 330 15.00 19.45 -11.76
C ASP A 330 15.88 20.47 -12.47
N ALA A 331 16.83 21.03 -11.72
CA ALA A 331 17.75 22.01 -12.27
C ALA A 331 19.09 21.89 -11.56
N ALA A 332 20.12 22.43 -12.20
CA ALA A 332 21.48 22.40 -11.66
C ALA A 332 21.99 23.82 -11.51
N LEU A 333 22.64 24.09 -10.37
CA LEU A 333 23.15 25.43 -10.08
C LEU A 333 24.49 25.66 -10.75
N VAL A 334 24.70 26.89 -11.23
CA VAL A 334 25.98 27.27 -11.82
C VAL A 334 26.56 28.54 -11.21
N ALA A 335 25.78 29.34 -10.48
CA ALA A 335 26.30 30.55 -9.86
C ALA A 335 25.41 30.86 -8.66
N GLY A 336 26.03 31.12 -7.51
CA GLY A 336 25.32 31.42 -6.28
C GLY A 336 24.86 30.16 -5.57
N GLU A 337 24.11 30.39 -4.50
CA GLU A 337 23.58 29.31 -3.68
C GLU A 337 22.22 29.71 -3.13
N CYS A 338 21.42 28.70 -2.79
CA CYS A 338 20.09 28.94 -2.25
C CYS A 338 19.71 27.78 -1.33
N MET A 339 19.05 28.12 -0.23
CA MET A 339 18.60 27.12 0.74
C MET A 339 17.49 26.28 0.12
N VAL A 340 17.38 25.03 0.59
CA VAL A 340 16.35 24.11 0.11
C VAL A 340 15.66 23.51 1.32
N ASN A 341 14.43 23.04 1.12
CA ASN A 341 13.59 22.49 2.18
C ASN A 341 13.00 21.16 1.73
N GLU A 342 13.87 20.26 1.27
CA GLU A 342 13.42 18.95 0.83
C GLU A 342 12.61 18.26 1.92
N SER A 343 11.33 18.04 1.63
CA SER A 343 10.42 17.41 2.59
C SER A 343 9.69 16.24 1.95
N SER A 344 9.45 16.32 0.64
CA SER A 344 8.76 15.26 -0.08
C SER A 344 9.69 14.14 -0.53
N LEU A 345 10.99 14.26 -0.28
CA LEU A 345 11.96 13.25 -0.66
C LEU A 345 12.75 12.68 0.51
N THR A 346 12.99 13.48 1.55
CA THR A 346 13.73 13.04 2.72
C THR A 346 12.94 13.38 3.98
N GLY A 347 12.94 12.47 4.95
CA GLY A 347 12.20 12.71 6.17
C GLY A 347 12.71 13.93 6.93
N GLU A 348 14.03 14.05 7.03
CA GLU A 348 14.61 15.19 7.74
C GLU A 348 14.31 16.49 7.01
N SER A 349 13.98 17.53 7.79
CA SER A 349 13.66 18.84 7.26
C SER A 349 14.80 19.83 7.40
N ILE A 350 15.99 19.36 7.77
CA ILE A 350 17.13 20.26 7.94
C ILE A 350 17.51 20.87 6.60
N PRO A 351 17.64 22.19 6.48
CA PRO A 351 18.04 22.77 5.19
C PRO A 351 19.41 22.28 4.76
N VAL A 352 19.59 22.15 3.46
CA VAL A 352 20.84 21.69 2.86
C VAL A 352 21.37 22.80 1.96
N LEU A 353 22.64 23.12 2.12
CA LEU A 353 23.27 24.18 1.33
C LEU A 353 23.66 23.63 -0.03
N LYS A 354 23.14 24.25 -1.09
CA LYS A 354 23.43 23.86 -2.46
C LYS A 354 24.14 25.04 -3.14
N THR A 355 25.40 24.85 -3.47
CA THR A 355 26.23 25.88 -4.07
C THR A 355 26.32 25.65 -5.58
N ALA A 356 27.14 26.46 -6.25
CA ALA A 356 27.34 26.32 -7.67
C ALA A 356 28.14 25.05 -7.97
N LEU A 357 28.46 24.85 -9.24
CA LEU A 357 29.18 23.66 -9.71
C LEU A 357 30.35 24.09 -10.56
N PRO A 358 31.37 24.72 -9.96
CA PRO A 358 32.60 25.03 -10.71
C PRO A 358 33.53 23.82 -10.76
N GLU A 359 33.63 23.22 -11.94
CA GLU A 359 34.43 22.02 -12.10
C GLU A 359 34.87 21.90 -13.55
N GLY A 360 35.93 21.12 -13.77
CA GLY A 360 36.45 20.87 -15.10
C GLY A 360 36.83 19.42 -15.31
N LEU A 361 36.15 18.52 -14.63
CA LEU A 361 36.46 17.10 -14.70
C LEU A 361 35.88 16.50 -15.98
N GLY A 362 35.89 15.18 -16.08
CA GLY A 362 35.43 14.49 -17.27
C GLY A 362 33.92 14.36 -17.30
N PRO A 363 33.42 13.17 -17.64
CA PRO A 363 31.96 12.99 -17.74
C PRO A 363 31.27 13.29 -16.41
N TYR A 364 30.08 13.87 -16.52
CA TYR A 364 29.25 14.24 -15.38
C TYR A 364 28.19 13.16 -15.19
N CYS A 365 28.37 12.31 -14.18
CA CYS A 365 27.48 11.18 -13.96
C CYS A 365 26.21 11.53 -13.19
N ALA A 366 26.13 12.73 -12.61
CA ALA A 366 24.96 13.16 -11.85
C ALA A 366 24.66 12.21 -10.70
N GLU A 367 25.69 11.63 -10.10
CA GLU A 367 25.53 10.72 -8.97
C GLU A 367 26.39 11.18 -7.79
N THR A 368 27.58 11.70 -8.09
CA THR A 368 28.50 12.16 -7.07
C THR A 368 28.37 13.65 -6.77
N HIS A 369 27.42 14.35 -7.40
CA HIS A 369 27.22 15.77 -7.22
C HIS A 369 25.84 16.07 -6.64
N ARG A 370 25.43 15.28 -5.64
CA ARG A 370 24.12 15.48 -5.02
C ARG A 370 24.05 16.79 -4.24
N ARG A 371 25.19 17.42 -3.95
CA ARG A 371 25.22 18.66 -3.18
C ARG A 371 24.99 19.89 -4.04
N HIS A 372 24.86 19.74 -5.37
CA HIS A 372 24.65 20.86 -6.26
C HIS A 372 23.43 20.75 -7.16
N THR A 373 22.69 19.64 -7.09
CA THR A 373 21.53 19.46 -7.94
C THR A 373 20.25 19.54 -7.11
N LEU A 374 19.29 20.34 -7.57
CA LEU A 374 18.02 20.50 -6.89
C LEU A 374 17.01 19.49 -7.46
N PHE A 375 16.28 18.84 -6.56
CA PHE A 375 15.27 17.87 -6.96
C PHE A 375 13.92 18.57 -7.13
N CYS A 376 13.05 17.95 -7.92
CA CYS A 376 11.74 18.51 -8.21
C CYS A 376 10.88 18.55 -6.95
N GLY A 377 9.98 19.51 -6.90
CA GLY A 377 9.09 19.65 -5.75
C GLY A 377 9.81 19.98 -4.46
N THR A 378 10.77 20.91 -4.51
CA THR A 378 11.55 21.31 -3.35
C THR A 378 11.31 22.79 -3.08
N LEU A 379 10.93 23.12 -1.85
CA LEU A 379 10.69 24.49 -1.46
C LEU A 379 12.01 25.20 -1.13
N ILE A 380 12.06 26.48 -1.48
CA ILE A 380 13.24 27.31 -1.25
C ILE A 380 12.89 28.34 -0.19
N LEU A 381 13.73 28.43 0.85
CA LEU A 381 13.50 29.37 1.95
C LEU A 381 14.17 30.72 1.66
N GLN A 382 15.48 30.72 1.43
CA GLN A 382 16.23 31.94 1.16
C GLN A 382 17.23 31.68 0.05
N ALA A 383 17.50 32.71 -0.73
CA ALA A 383 18.45 32.65 -1.84
C ALA A 383 19.39 33.84 -1.75
N ARG A 384 20.66 33.61 -2.06
CA ARG A 384 21.68 34.64 -2.03
C ARG A 384 22.11 34.99 -3.46
N ALA A 385 22.13 36.27 -3.76
CA ALA A 385 22.52 36.75 -5.08
C ALA A 385 24.04 36.67 -5.27
N TYR A 386 24.46 36.80 -6.51
CA TYR A 386 25.88 36.75 -6.87
C TYR A 386 26.15 37.87 -7.87
N VAL A 387 27.40 37.91 -8.38
CA VAL A 387 27.75 38.94 -9.34
C VAL A 387 26.93 38.75 -10.61
N GLY A 388 26.42 39.87 -11.13
CA GLY A 388 25.60 39.86 -12.32
C GLY A 388 24.18 40.32 -12.04
N PRO A 389 23.34 40.36 -13.08
CA PRO A 389 21.96 40.82 -12.85
C PRO A 389 21.21 39.97 -11.85
N HIS A 390 21.46 38.66 -11.82
CA HIS A 390 20.79 37.75 -10.91
C HIS A 390 21.48 36.39 -10.99
N VAL A 391 21.00 35.44 -10.19
CA VAL A 391 21.58 34.10 -10.20
C VAL A 391 21.18 33.37 -11.48
N LEU A 392 22.01 32.40 -11.87
CA LEU A 392 21.79 31.62 -13.08
C LEU A 392 21.68 30.15 -12.72
N ALA A 393 20.86 29.43 -13.49
CA ALA A 393 20.66 28.01 -13.30
C ALA A 393 20.33 27.36 -14.64
N VAL A 394 20.51 26.05 -14.71
CA VAL A 394 20.28 25.28 -15.92
C VAL A 394 19.37 24.11 -15.60
N VAL A 395 18.70 23.60 -16.63
CA VAL A 395 17.80 22.46 -16.52
C VAL A 395 18.48 21.24 -17.10
N THR A 396 18.58 20.18 -16.30
CA THR A 396 19.21 18.93 -16.73
C THR A 396 18.26 17.74 -16.75
N ARG A 397 17.14 17.80 -16.02
CA ARG A 397 16.18 16.71 -15.99
C ARG A 397 14.78 17.29 -15.95
N THR A 398 13.92 16.80 -16.83
CA THR A 398 12.53 17.26 -16.89
C THR A 398 11.68 16.18 -17.54
N GLY A 399 10.36 16.29 -17.34
CA GLY A 399 9.44 15.34 -17.90
C GLY A 399 9.21 14.14 -17.01
N PHE A 400 9.08 12.97 -17.61
CA PHE A 400 8.84 11.73 -16.87
C PHE A 400 10.13 11.09 -16.35
N CYS A 401 11.29 11.59 -16.75
CA CYS A 401 12.56 11.04 -16.31
C CYS A 401 13.14 11.77 -15.11
N THR A 402 12.44 12.79 -14.60
CA THR A 402 12.90 13.52 -13.43
C THR A 402 12.56 12.75 -12.16
N ALA A 403 13.03 13.26 -11.02
CA ALA A 403 12.83 12.56 -9.76
C ALA A 403 11.34 12.41 -9.44
N LYS A 404 10.57 13.49 -9.56
CA LYS A 404 9.14 13.41 -9.27
C LYS A 404 8.43 12.50 -10.26
N GLY A 405 8.78 12.60 -11.54
CA GLY A 405 8.11 11.78 -12.54
C GLY A 405 8.39 10.30 -12.37
N GLY A 406 9.61 9.95 -11.99
CA GLY A 406 9.95 8.55 -11.83
C GLY A 406 9.10 7.84 -10.80
N LEU A 407 8.88 8.49 -9.65
CA LEU A 407 8.05 7.88 -8.61
C LEU A 407 6.62 7.71 -9.10
N VAL A 408 6.07 8.73 -9.77
CA VAL A 408 4.69 8.63 -10.25
C VAL A 408 4.61 7.64 -11.42
N SER A 409 5.58 7.68 -12.33
CA SER A 409 5.56 6.81 -13.49
C SER A 409 5.69 5.34 -13.14
N SER A 410 6.11 5.02 -11.92
CA SER A 410 6.27 3.64 -11.48
C SER A 410 5.02 3.08 -10.82
N ILE A 411 3.89 3.78 -10.93
CA ILE A 411 2.64 3.35 -10.30
C ILE A 411 1.55 3.12 -11.35
N LEU A 412 1.44 4.02 -12.33
CA LEU A 412 0.38 3.94 -13.33
C LEU A 412 0.46 2.65 -14.13
N HIS A 413 1.54 2.47 -14.88
CA HIS A 413 1.67 1.31 -15.77
C HIS A 413 1.98 0.06 -14.96
N PRO A 414 3.02 0.05 -14.10
CA PRO A 414 3.37 -1.17 -13.38
C PRO A 414 2.44 -1.40 -12.20
N ARG A 415 1.59 -2.41 -12.32
CA ARG A 415 0.62 -2.76 -11.27
C ARG A 415 -0.02 -1.52 -10.63
N PHE A 421 -0.41 -20.04 -5.34
CA PHE A 421 0.09 -20.43 -6.70
C PHE A 421 -1.03 -21.09 -7.50
N TYR A 422 -0.69 -21.54 -8.70
CA TYR A 422 -1.67 -22.18 -9.59
C TYR A 422 -1.95 -23.63 -9.21
N LYS A 423 -1.16 -24.22 -8.31
CA LYS A 423 -1.40 -25.60 -7.90
C LYS A 423 -2.79 -25.74 -7.26
N HIS A 424 -3.09 -24.87 -6.30
CA HIS A 424 -4.39 -24.93 -5.66
C HIS A 424 -5.52 -24.60 -6.63
N SER A 425 -5.27 -23.66 -7.55
CA SER A 425 -6.30 -23.33 -8.54
C SER A 425 -6.59 -24.52 -9.44
N MET A 426 -5.55 -25.21 -9.91
CA MET A 426 -5.77 -26.38 -10.76
C MET A 426 -6.43 -27.51 -9.98
N LYS A 427 -6.07 -27.68 -8.71
CA LYS A 427 -6.74 -28.70 -7.90
C LYS A 427 -8.23 -28.38 -7.76
N PHE A 428 -8.55 -27.11 -7.50
CA PHE A 428 -9.95 -26.72 -7.34
C PHE A 428 -10.73 -26.91 -8.64
N VAL A 429 -10.13 -26.52 -9.76
CA VAL A 429 -10.85 -26.65 -11.04
C VAL A 429 -11.02 -28.13 -11.40
N ALA A 430 -10.03 -28.96 -11.11
CA ALA A 430 -10.17 -30.40 -11.33
C ALA A 430 -11.27 -30.97 -10.46
N ALA A 431 -11.34 -30.56 -9.19
CA ALA A 431 -12.41 -31.03 -8.32
C ALA A 431 -13.77 -30.61 -8.84
N LEU A 432 -13.88 -29.36 -9.30
CA LEU A 432 -15.15 -28.88 -9.86
C LEU A 432 -15.55 -29.67 -11.09
N SER A 433 -14.57 -29.96 -11.97
CA SER A 433 -14.86 -30.76 -13.15
C SER A 433 -15.31 -32.17 -12.78
N VAL A 434 -14.67 -32.76 -11.77
CA VAL A 434 -15.07 -34.10 -11.32
C VAL A 434 -16.49 -34.06 -10.78
N LEU A 435 -16.82 -33.05 -9.98
CA LEU A 435 -18.17 -32.92 -9.45
C LEU A 435 -19.18 -32.76 -10.58
N ALA A 436 -18.86 -31.95 -11.58
CA ALA A 436 -19.79 -31.73 -12.69
C ALA A 436 -20.01 -33.01 -13.48
N LEU A 437 -18.93 -33.72 -13.81
CA LEU A 437 -19.07 -34.96 -14.59
C LEU A 437 -19.68 -36.08 -13.76
N LEU A 438 -19.67 -35.97 -12.43
CA LEU A 438 -20.38 -36.94 -11.62
C LEU A 438 -21.87 -36.91 -11.90
N GLY A 439 -22.43 -35.71 -12.03
CA GLY A 439 -23.86 -35.55 -12.25
C GLY A 439 -24.23 -35.46 -13.72
N THR A 440 -23.24 -35.22 -14.59
CA THR A 440 -23.53 -35.10 -16.02
C THR A 440 -24.04 -36.38 -16.66
N ILE A 441 -23.65 -37.55 -16.14
CA ILE A 441 -24.10 -38.82 -16.70
C ILE A 441 -25.37 -39.31 -16.02
N TYR A 442 -25.52 -39.02 -14.73
CA TYR A 442 -26.72 -39.47 -14.01
C TYR A 442 -27.96 -38.77 -14.54
N SER A 443 -27.84 -37.48 -14.89
CA SER A 443 -29.00 -36.74 -15.39
C SER A 443 -29.53 -37.36 -16.68
N ILE A 444 -28.64 -37.75 -17.58
CA ILE A 444 -29.06 -38.36 -18.85
C ILE A 444 -29.59 -39.77 -18.67
N PHE A 445 -29.41 -40.38 -17.50
CA PHE A 445 -29.90 -41.71 -17.24
C PHE A 445 -31.40 -41.76 -16.98
N ILE A 446 -32.11 -40.65 -17.16
CA ILE A 446 -33.56 -40.64 -16.93
C ILE A 446 -34.28 -41.60 -17.86
N LEU A 447 -33.74 -41.85 -19.04
CA LEU A 447 -34.39 -42.76 -19.99
C LEU A 447 -34.43 -44.19 -19.47
N TYR A 448 -33.56 -44.55 -18.52
CA TYR A 448 -33.50 -45.93 -18.05
C TYR A 448 -34.63 -46.24 -17.06
N ARG A 449 -34.67 -45.50 -15.96
CA ARG A 449 -35.63 -45.75 -14.89
C ARG A 449 -36.82 -44.79 -14.93
N ASN A 450 -36.96 -44.01 -16.00
CA ASN A 450 -38.05 -43.05 -16.11
C ASN A 450 -38.31 -42.78 -17.59
N ARG A 451 -39.47 -42.18 -17.85
CA ARG A 451 -39.87 -41.81 -19.20
C ARG A 451 -39.29 -40.44 -19.55
N VAL A 452 -38.74 -40.34 -20.75
CA VAL A 452 -38.08 -39.09 -21.16
C VAL A 452 -39.14 -37.99 -21.27
N PRO A 453 -38.85 -36.74 -20.86
CA PRO A 453 -39.83 -35.66 -21.01
C PRO A 453 -39.92 -35.13 -22.44
N LEU A 454 -39.37 -35.85 -23.40
CA LEU A 454 -39.38 -35.45 -24.82
C LEU A 454 -38.66 -34.10 -25.00
N ASN A 455 -37.36 -34.14 -24.73
CA ASN A 455 -36.47 -33.03 -25.01
C ASN A 455 -36.66 -31.85 -24.05
N GLU A 456 -37.04 -32.15 -22.81
CA GLU A 456 -37.14 -31.14 -21.77
C GLU A 456 -36.00 -31.25 -20.75
N ILE A 457 -35.10 -32.22 -20.91
CA ILE A 457 -34.01 -32.38 -19.95
C ILE A 457 -32.89 -31.38 -20.18
N VAL A 458 -32.91 -30.65 -21.30
CA VAL A 458 -31.86 -29.67 -21.56
C VAL A 458 -31.84 -28.60 -20.48
N ILE A 459 -33.03 -28.10 -20.10
CA ILE A 459 -33.10 -27.11 -19.03
C ILE A 459 -32.78 -27.75 -17.69
N ARG A 460 -33.27 -28.97 -17.46
CA ARG A 460 -33.00 -29.65 -16.21
C ARG A 460 -31.51 -29.93 -16.04
N ALA A 461 -30.85 -30.37 -17.11
CA ALA A 461 -29.42 -30.67 -17.02
C ALA A 461 -28.62 -29.42 -16.69
N LEU A 462 -28.95 -28.29 -17.31
CA LEU A 462 -28.25 -27.04 -17.01
C LEU A 462 -28.51 -26.62 -15.57
N ASP A 463 -29.74 -26.78 -15.09
CA ASP A 463 -30.04 -26.45 -13.70
C ASP A 463 -29.22 -27.30 -12.74
N LEU A 464 -29.12 -28.60 -13.00
CA LEU A 464 -28.32 -29.47 -12.15
C LEU A 464 -26.84 -29.09 -12.23
N VAL A 465 -26.36 -28.71 -13.41
CA VAL A 465 -24.95 -28.32 -13.54
C VAL A 465 -24.68 -27.07 -12.73
N THR A 466 -25.57 -26.08 -12.81
CA THR A 466 -25.34 -24.80 -12.15
C THR A 466 -25.68 -24.83 -10.65
N VAL A 467 -26.41 -25.84 -10.19
CA VAL A 467 -26.74 -25.93 -8.76
C VAL A 467 -25.62 -26.54 -7.93
N VAL A 468 -24.55 -27.03 -8.57
CA VAL A 468 -23.46 -27.64 -7.81
C VAL A 468 -22.77 -26.60 -6.94
N VAL A 469 -22.76 -25.33 -7.38
CA VAL A 469 -22.23 -24.24 -6.58
C VAL A 469 -23.28 -23.13 -6.49
N PRO A 470 -23.26 -22.31 -5.46
CA PRO A 470 -24.24 -21.23 -5.35
C PRO A 470 -23.80 -20.02 -6.16
N PRO A 471 -24.70 -19.39 -6.90
CA PRO A 471 -24.29 -18.20 -7.68
C PRO A 471 -23.83 -17.03 -6.82
N ALA A 472 -24.22 -16.99 -5.55
CA ALA A 472 -23.86 -15.91 -4.65
C ALA A 472 -22.63 -16.21 -3.81
N LEU A 473 -21.79 -17.14 -4.25
CA LEU A 473 -20.58 -17.47 -3.48
C LEU A 473 -19.69 -16.26 -3.28
N PRO A 474 -19.32 -15.48 -4.30
CA PRO A 474 -18.52 -14.28 -4.03
C PRO A 474 -19.23 -13.27 -3.13
N ALA A 475 -20.56 -13.18 -3.23
CA ALA A 475 -21.32 -12.26 -2.39
C ALA A 475 -21.46 -12.75 -0.95
N ALA A 476 -21.18 -14.02 -0.68
CA ALA A 476 -21.30 -14.54 0.67
C ALA A 476 -20.34 -13.83 1.62
N MET A 477 -19.10 -13.63 1.19
CA MET A 477 -18.11 -12.93 2.01
C MET A 477 -18.21 -11.41 1.91
N THR A 478 -18.96 -10.89 0.93
CA THR A 478 -19.09 -9.45 0.79
C THR A 478 -19.80 -8.83 1.99
N VAL A 479 -20.82 -9.49 2.53
CA VAL A 479 -21.53 -8.96 3.69
C VAL A 479 -20.57 -8.87 4.88
N CYS A 480 -19.77 -9.92 5.10
CA CYS A 480 -18.80 -9.88 6.18
C CYS A 480 -17.76 -8.78 5.96
N THR A 481 -17.30 -8.63 4.72
CA THR A 481 -16.29 -7.61 4.42
C THR A 481 -16.82 -6.21 4.70
N LEU A 482 -18.06 -5.94 4.25
CA LEU A 482 -18.61 -4.61 4.46
C LEU A 482 -18.96 -4.37 5.93
N TYR A 483 -19.38 -5.42 6.65
CA TYR A 483 -19.60 -5.27 8.09
C TYR A 483 -18.30 -4.94 8.81
N ALA A 484 -17.20 -5.62 8.45
CA ALA A 484 -15.92 -5.31 9.06
C ALA A 484 -15.48 -3.90 8.70
N GLN A 485 -15.71 -3.48 7.46
CA GLN A 485 -15.37 -2.12 7.06
C GLN A 485 -16.15 -1.09 7.87
N SER A 486 -17.44 -1.34 8.08
CA SER A 486 -18.24 -0.43 8.89
C SER A 486 -17.76 -0.40 10.33
N ARG A 487 -17.42 -1.56 10.88
CA ARG A 487 -16.91 -1.61 12.25
C ARG A 487 -15.62 -0.81 12.38
N LEU A 488 -14.72 -0.96 11.40
CA LEU A 488 -13.49 -0.16 11.41
C LEU A 488 -13.80 1.32 11.29
N ARG A 489 -14.76 1.68 10.42
CA ARG A 489 -15.13 3.07 10.23
C ARG A 489 -15.80 3.66 11.47
N ARG A 490 -16.32 2.81 12.36
CA ARG A 490 -16.95 3.33 13.59
C ARG A 490 -15.97 4.17 14.38
N GLN A 491 -14.72 3.73 14.49
CA GLN A 491 -13.70 4.50 15.19
C GLN A 491 -12.34 4.10 14.64
N GLY A 492 -11.44 5.08 14.57
CA GLY A 492 -10.09 4.85 14.11
C GLY A 492 -9.90 5.08 12.63
N ILE A 493 -9.82 3.99 11.86
CA ILE A 493 -9.56 4.06 10.43
C ILE A 493 -10.87 4.33 9.71
N PHE A 494 -10.87 5.36 8.87
CA PHE A 494 -12.03 5.72 8.05
C PHE A 494 -11.84 5.06 6.68
N CYS A 495 -12.21 3.78 6.59
CA CYS A 495 -12.02 3.03 5.36
C CYS A 495 -12.90 3.61 4.26
N ILE A 496 -12.40 3.53 3.02
CA ILE A 496 -13.11 4.08 1.87
C ILE A 496 -13.81 2.99 1.06
N HIS A 497 -13.17 1.82 0.91
CA HIS A 497 -13.76 0.72 0.17
C HIS A 497 -13.36 -0.60 0.85
N PRO A 498 -14.27 -1.57 0.93
CA PRO A 498 -13.94 -2.85 1.58
C PRO A 498 -13.20 -3.78 0.64
N LEU A 499 -11.90 -3.98 0.91
CA LEU A 499 -11.09 -4.88 0.11
C LEU A 499 -9.78 -5.12 0.85
N ARG A 500 -9.07 -6.17 0.42
CA ARG A 500 -7.77 -6.53 0.99
C ARG A 500 -7.85 -6.65 2.51
N ILE A 501 -8.95 -7.21 3.00
CA ILE A 501 -9.14 -7.38 4.44
C ILE A 501 -8.83 -8.81 4.87
N ASN A 502 -9.28 -9.81 4.10
CA ASN A 502 -9.03 -11.19 4.48
C ASN A 502 -7.53 -11.50 4.51
N LEU A 503 -6.79 -10.99 3.53
CA LEU A 503 -5.36 -11.23 3.47
C LEU A 503 -4.56 -10.36 4.43
N GLY A 504 -5.19 -9.33 5.01
CA GLY A 504 -4.47 -8.46 5.94
C GLY A 504 -4.22 -9.09 7.30
N GLY A 505 -4.98 -10.12 7.66
CA GLY A 505 -4.76 -10.78 8.94
C GLY A 505 -3.42 -11.49 9.02
N LYS A 506 -2.97 -12.06 7.90
CA LYS A 506 -1.70 -12.79 7.87
C LYS A 506 -0.55 -11.80 7.69
N LEU A 507 -0.30 -11.03 8.74
CA LEU A 507 0.74 -10.03 8.78
C LEU A 507 1.87 -10.50 9.69
N GLN A 508 3.11 -10.46 9.18
CA GLN A 508 4.27 -10.90 9.94
C GLN A 508 5.39 -9.88 9.97
N LEU A 509 5.27 -8.77 9.25
CA LEU A 509 6.32 -7.75 9.24
C LEU A 509 5.68 -6.39 8.99
N VAL A 510 6.25 -5.37 9.63
CA VAL A 510 5.77 -4.00 9.51
C VAL A 510 6.97 -3.07 9.38
N CYS A 511 6.85 -2.07 8.52
CA CYS A 511 7.92 -1.09 8.27
C CYS A 511 7.51 0.22 8.91
N PHE A 512 8.44 0.85 9.62
CA PHE A 512 8.19 2.11 10.31
C PHE A 512 9.29 3.12 10.00
N ASP A 513 8.94 4.40 10.11
CA ASP A 513 9.87 5.50 9.92
C ASP A 513 9.92 6.33 11.20
N LYS A 514 11.13 6.73 11.58
CA LYS A 514 11.32 7.43 12.84
C LYS A 514 10.57 8.76 12.85
N THR A 515 10.60 9.50 11.74
CA THR A 515 9.96 10.80 11.66
C THR A 515 8.52 10.65 11.20
N GLY A 516 7.66 11.57 11.65
CA GLY A 516 6.27 11.57 11.24
C GLY A 516 5.34 10.82 12.17
N THR A 517 5.54 9.50 12.30
CA THR A 517 4.63 8.67 13.09
C THR A 517 5.30 8.13 14.35
N LEU A 518 6.54 7.66 14.25
CA LEU A 518 7.24 7.09 15.39
C LEU A 518 7.71 8.14 16.39
N THR A 519 8.03 9.34 15.92
CA THR A 519 8.50 10.42 16.79
C THR A 519 7.78 11.71 16.43
N GLU A 520 7.68 12.59 17.42
CA GLU A 520 7.01 13.86 17.23
C GLU A 520 7.79 14.74 16.25
N ASP A 521 7.05 15.43 15.39
CA ASP A 521 7.67 16.31 14.40
C ASP A 521 8.42 17.45 15.07
N GLY A 522 7.84 18.04 16.11
CA GLY A 522 8.48 19.16 16.78
C GLY A 522 9.74 18.76 17.53
N LEU A 523 10.58 19.75 17.78
CA LEU A 523 11.84 19.57 18.49
C LEU A 523 11.68 20.16 19.89
N ASP A 524 12.03 19.36 20.90
CA ASP A 524 11.90 19.78 22.29
C ASP A 524 13.28 19.98 22.90
N VAL A 525 13.40 21.00 23.75
CA VAL A 525 14.65 21.32 24.42
C VAL A 525 14.47 21.03 25.91
N MET A 526 15.37 20.22 26.46
CA MET A 526 15.30 19.88 27.88
C MET A 526 15.79 21.02 28.75
N GLY A 527 16.79 21.77 28.29
CA GLY A 527 17.35 22.87 29.05
C GLY A 527 18.84 22.96 28.81
N VAL A 528 19.52 23.67 29.70
CA VAL A 528 20.96 23.86 29.64
C VAL A 528 21.60 22.92 30.64
N VAL A 529 22.43 22.00 30.17
CA VAL A 529 23.11 21.04 31.03
C VAL A 529 24.21 21.75 31.81
N PRO A 530 25.20 22.38 31.15
CA PRO A 530 26.24 23.09 31.90
C PRO A 530 25.68 24.29 32.65
N LEU A 531 26.31 24.60 33.78
CA LEU A 531 25.90 25.73 34.60
C LEU A 531 26.93 26.84 34.65
N LYS A 532 28.18 26.58 34.27
CA LYS A 532 29.23 27.59 34.26
C LYS A 532 29.51 28.05 32.84
N GLU A 542 16.39 19.11 34.16
CA GLU A 542 15.76 19.73 35.36
C GLU A 542 14.76 20.81 34.96
N PRO A 543 13.75 21.06 35.80
CA PRO A 543 12.76 22.08 35.48
C PRO A 543 13.38 23.47 35.42
N ARG A 544 12.79 24.31 34.58
CA ARG A 544 13.28 25.67 34.38
C ARG A 544 13.03 26.50 35.64
N ARG A 545 13.50 27.75 35.60
CA ARG A 545 13.35 28.73 36.68
C ARG A 545 14.15 28.36 37.93
N LEU A 546 14.96 27.30 37.88
CA LEU A 546 15.75 26.91 39.03
C LEU A 546 16.97 27.82 39.18
N PRO A 547 17.81 27.96 38.16
CA PRO A 547 18.98 28.83 38.28
C PRO A 547 18.59 30.30 38.31
N VAL A 548 19.48 31.10 38.91
CA VAL A 548 19.32 32.54 38.99
C VAL A 548 20.59 33.21 38.46
N GLY A 549 20.41 34.16 37.55
CA GLY A 549 21.52 34.87 36.97
C GLY A 549 21.23 35.35 35.56
N PRO A 550 22.28 35.75 34.83
CA PRO A 550 22.08 36.22 33.45
C PRO A 550 21.71 35.10 32.48
N LEU A 551 21.76 33.83 32.91
CA LEU A 551 21.45 32.74 31.99
C LEU A 551 20.02 32.81 31.50
N LEU A 552 19.08 33.13 32.39
CA LEU A 552 17.67 33.22 32.00
C LEU A 552 17.47 34.32 30.98
N ARG A 553 18.08 35.49 31.20
CA ARG A 553 17.96 36.59 30.25
C ARG A 553 18.58 36.22 28.91
N ALA A 554 19.75 35.57 28.93
CA ALA A 554 20.38 35.17 27.68
C ALA A 554 19.53 34.19 26.91
N LEU A 555 18.95 33.20 27.60
CA LEU A 555 18.15 32.18 26.92
C LEU A 555 16.86 32.77 26.38
N ALA A 556 16.18 33.61 27.17
CA ALA A 556 14.89 34.14 26.77
C ALA A 556 15.01 35.30 25.80
N THR A 557 16.19 35.89 25.63
CA THR A 557 16.38 37.02 24.74
C THR A 557 17.08 36.66 23.43
N CYS A 558 17.49 35.40 23.26
CA CYS A 558 18.19 34.97 22.06
C CYS A 558 17.28 34.86 20.85
N HIS A 559 15.96 34.96 21.03
CA HIS A 559 15.00 34.83 19.93
C HIS A 559 15.11 36.08 19.06
N ALA A 560 15.80 35.94 17.93
CA ALA A 560 15.95 37.05 17.00
C ALA A 560 14.61 37.49 16.43
N LEU A 561 13.76 36.53 16.06
CA LEU A 561 12.45 36.81 15.48
C LEU A 561 11.40 36.72 16.55
N SER A 562 10.53 37.74 16.61
CA SER A 562 9.47 37.76 17.61
C SER A 562 8.52 36.58 17.43
N ARG A 563 8.06 36.02 18.55
CA ARG A 563 7.15 34.89 18.48
C ARG A 563 5.84 35.27 17.80
N LEU A 564 5.30 36.44 18.13
CA LEU A 564 4.05 36.90 17.56
C LEU A 564 4.07 38.42 17.46
N GLN A 565 3.27 38.96 16.55
CA GLN A 565 3.19 40.40 16.35
C GLN A 565 2.45 41.04 17.52
N ASP A 571 9.92 28.76 13.35
CA ASP A 571 10.04 27.27 13.30
C ASP A 571 9.62 26.64 14.63
N PRO A 572 9.27 25.35 14.61
CA PRO A 572 8.78 24.72 15.85
C PRO A 572 9.80 24.76 16.98
N MET A 573 11.10 24.69 16.70
CA MET A 573 12.09 24.66 17.76
C MET A 573 12.05 25.94 18.59
N ASP A 574 11.94 27.09 17.94
CA ASP A 574 11.88 28.35 18.68
C ASP A 574 10.63 28.41 19.55
N LEU A 575 9.48 27.98 19.00
CA LEU A 575 8.24 27.99 19.78
C LEU A 575 8.37 27.09 21.00
N LYS A 576 8.93 25.89 20.83
CA LYS A 576 9.09 24.98 21.96
C LYS A 576 10.06 25.56 22.99
N MET A 577 11.14 26.19 22.52
CA MET A 577 12.09 26.78 23.45
C MET A 577 11.45 27.89 24.28
N VAL A 578 10.69 28.76 23.63
CA VAL A 578 10.03 29.84 24.37
C VAL A 578 8.93 29.31 25.28
N GLU A 579 8.27 28.21 24.91
CA GLU A 579 7.24 27.65 25.77
C GLU A 579 7.84 26.95 26.98
N SER A 580 9.02 26.33 26.82
CA SER A 580 9.61 25.57 27.92
C SER A 580 9.94 26.47 29.11
N THR A 581 10.48 27.66 28.87
CA THR A 581 10.86 28.54 29.97
C THR A 581 9.66 28.98 30.80
N GLY A 582 8.45 28.85 30.27
CA GLY A 582 7.25 29.19 31.00
C GLY A 582 6.81 30.64 30.86
N TRP A 583 7.59 31.48 30.19
CA TRP A 583 7.22 32.87 30.00
C TRP A 583 6.30 33.02 28.80
N VAL A 584 5.64 34.18 28.72
CA VAL A 584 4.73 34.49 27.64
C VAL A 584 5.21 35.75 26.92
N LEU A 585 5.28 35.66 25.60
CA LEU A 585 5.74 36.77 24.78
C LEU A 585 4.77 36.94 23.61
N GLU A 586 4.68 38.16 23.10
CA GLU A 586 3.80 38.47 21.98
C GLU A 586 4.38 39.59 21.13
N TRP A 608 10.57 51.97 24.04
CA TRP A 608 11.78 52.02 23.18
C TRP A 608 11.57 51.23 21.90
N GLU A 609 10.80 50.16 21.98
CA GLU A 609 10.49 49.31 20.84
C GLU A 609 8.98 49.07 20.79
N PRO A 610 8.43 48.85 19.59
CA PRO A 610 6.97 48.68 19.47
C PRO A 610 6.45 47.42 20.15
N GLN A 611 7.01 46.27 19.78
CA GLN A 611 6.54 44.98 20.27
C GLN A 611 7.71 44.07 20.61
N LEU A 612 8.72 44.61 21.28
CA LEU A 612 9.92 43.86 21.66
C LEU A 612 10.20 44.02 23.14
N GLN A 613 9.17 43.84 23.97
CA GLN A 613 9.28 43.96 25.41
C GLN A 613 9.13 42.58 26.05
N ALA A 614 9.91 42.32 27.10
CA ALA A 614 9.89 41.05 27.79
C ALA A 614 9.07 41.14 29.07
N MET A 615 8.44 40.02 29.42
CA MET A 615 7.58 39.95 30.60
C MET A 615 8.11 38.85 31.51
N GLU A 616 7.66 38.87 32.77
CA GLU A 616 8.00 37.94 33.83
C GLU A 616 9.32 38.26 34.51
N GLU A 617 9.99 39.36 34.16
CA GLU A 617 11.17 39.77 34.92
C GLU A 617 10.76 40.72 36.04
N PRO A 618 11.12 40.43 37.29
CA PRO A 618 10.78 41.35 38.39
C PRO A 618 11.28 42.76 38.12
N PRO A 619 12.49 42.93 37.55
CA PRO A 619 12.94 44.28 37.20
C PRO A 619 12.38 44.75 35.87
N VAL A 620 12.82 45.92 35.41
CA VAL A 620 12.30 46.46 34.15
C VAL A 620 12.69 45.53 33.00
N PRO A 621 11.89 45.44 31.94
CA PRO A 621 12.15 44.45 30.88
C PRO A 621 13.45 44.71 30.13
N VAL A 622 14.01 43.62 29.60
CA VAL A 622 15.16 43.69 28.71
C VAL A 622 14.67 43.65 27.27
N SER A 623 14.74 44.79 26.60
CA SER A 623 14.21 44.94 25.25
C SER A 623 15.34 44.89 24.24
N VAL A 624 15.16 44.09 23.20
CA VAL A 624 16.12 43.98 22.11
C VAL A 624 15.89 45.15 21.15
N LEU A 625 16.97 45.87 20.84
CA LEU A 625 16.88 47.04 19.97
C LEU A 625 16.81 46.63 18.50
N HIS A 626 17.81 45.89 18.02
CA HIS A 626 17.87 45.45 16.64
C HIS A 626 18.22 43.97 16.58
N ARG A 627 17.74 43.30 15.54
CA ARG A 627 18.01 41.89 15.29
C ARG A 627 18.80 41.75 14.01
N PHE A 628 19.93 41.06 14.07
CA PHE A 628 20.78 40.89 12.91
C PHE A 628 20.17 39.87 11.95
N PRO A 629 20.42 40.02 10.65
CA PRO A 629 19.84 39.08 9.68
C PRO A 629 20.61 37.76 9.64
N PHE A 630 19.95 36.75 9.09
CA PHE A 630 20.56 35.43 8.94
C PHE A 630 21.10 35.27 7.52
N SER A 631 22.31 34.72 7.43
CA SER A 631 22.98 34.52 6.15
C SER A 631 23.52 33.10 6.09
N SER A 632 23.63 32.58 4.85
CA SER A 632 24.17 31.23 4.68
C SER A 632 25.66 31.19 5.01
N ALA A 633 26.41 32.20 4.56
CA ALA A 633 27.86 32.20 4.80
C ALA A 633 28.16 32.31 6.29
N LEU A 634 27.45 33.17 7.01
CA LEU A 634 27.69 33.41 8.42
C LEU A 634 26.50 32.88 9.23
N GLN A 635 26.80 32.00 10.19
CA GLN A 635 25.78 31.40 11.04
C GLN A 635 25.68 32.07 12.40
N ARG A 636 25.89 33.39 12.45
CA ARG A 636 25.87 34.15 13.69
C ARG A 636 24.59 34.97 13.75
N MET A 637 23.87 34.86 14.87
CA MET A 637 22.66 35.64 15.13
C MET A 637 22.85 36.38 16.46
N SER A 638 23.26 37.64 16.37
CA SER A 638 23.57 38.45 17.55
C SER A 638 22.40 39.36 17.87
N VAL A 639 22.19 39.59 19.16
CA VAL A 639 21.14 40.47 19.66
C VAL A 639 21.75 41.43 20.66
N VAL A 640 21.43 42.72 20.50
CA VAL A 640 21.93 43.77 21.40
C VAL A 640 20.75 44.36 22.15
N VAL A 641 20.93 44.53 23.46
CA VAL A 641 19.88 45.00 24.34
C VAL A 641 20.41 46.17 25.17
N ALA A 642 19.47 46.93 25.74
CA ALA A 642 19.81 48.03 26.62
C ALA A 642 18.57 48.37 27.44
N TRP A 643 18.71 48.31 28.76
CA TRP A 643 17.58 48.50 29.67
C TRP A 643 18.00 49.43 30.79
N PRO A 644 17.04 50.14 31.41
CA PRO A 644 17.37 51.09 32.47
C PRO A 644 17.51 50.49 33.86
N GLY A 645 17.68 49.17 33.97
CA GLY A 645 17.69 48.53 35.28
C GLY A 645 18.99 48.68 36.04
N ALA A 646 19.72 49.77 35.79
CA ALA A 646 20.95 50.07 36.53
C ALA A 646 21.97 48.95 36.41
N THR A 647 21.98 48.27 35.27
CA THR A 647 22.92 47.19 35.00
C THR A 647 23.47 47.35 33.59
N GLN A 648 24.74 47.04 33.42
CA GLN A 648 25.36 47.14 32.10
C GLN A 648 24.72 46.14 31.16
N PRO A 649 24.28 46.55 29.96
CA PRO A 649 23.65 45.59 29.03
C PRO A 649 24.61 44.51 28.58
N GLU A 650 24.07 43.45 27.98
CA GLU A 650 24.88 42.35 27.48
C GLU A 650 24.43 41.99 26.07
N ALA A 651 25.36 41.45 25.29
CA ALA A 651 25.11 41.04 23.92
C ALA A 651 25.18 39.52 23.83
N TYR A 652 24.18 38.92 23.22
CA TYR A 652 24.10 37.47 23.07
C TYR A 652 24.11 37.10 21.60
N VAL A 653 24.97 36.13 21.25
CA VAL A 653 25.09 35.66 19.87
C VAL A 653 25.17 34.14 19.90
N LYS A 654 24.49 33.50 18.94
CA LYS A 654 24.47 32.05 18.83
C LYS A 654 25.11 31.61 17.51
N GLY A 655 25.74 30.45 17.55
CA GLY A 655 26.40 29.91 16.38
C GLY A 655 27.01 28.55 16.67
N SER A 656 27.75 28.06 15.68
CA SER A 656 28.37 26.75 15.82
C SER A 656 29.40 26.78 16.95
N PRO A 657 29.45 25.74 17.80
CA PRO A 657 30.43 25.76 18.89
C PRO A 657 31.87 25.83 18.41
N GLU A 658 32.18 25.21 17.28
CA GLU A 658 33.56 25.21 16.80
C GLU A 658 34.04 26.62 16.49
N LEU A 659 33.22 27.41 15.80
CA LEU A 659 33.64 28.75 15.40
C LEU A 659 33.85 29.64 16.62
N VAL A 660 32.90 29.63 17.57
CA VAL A 660 33.04 30.45 18.76
C VAL A 660 34.25 30.01 19.57
N ALA A 661 34.45 28.70 19.72
CA ALA A 661 35.61 28.21 20.46
C ALA A 661 36.91 28.66 19.79
N GLY A 662 36.97 28.59 18.46
CA GLY A 662 38.17 29.01 17.77
C GLY A 662 38.45 30.49 17.90
N LEU A 663 37.41 31.32 17.80
CA LEU A 663 37.58 32.76 17.82
C LEU A 663 37.54 33.36 19.23
N CYS A 664 37.38 32.53 20.26
CA CYS A 664 37.39 32.99 21.65
C CYS A 664 38.75 32.86 22.30
N ASN A 665 39.82 32.95 21.50
CA ASN A 665 41.17 32.84 22.06
C ASN A 665 41.46 33.95 23.06
N PRO A 666 41.15 35.22 22.80
CA PRO A 666 41.51 36.26 23.78
C PRO A 666 40.89 36.03 25.14
N GLU A 667 39.66 35.52 25.20
CA GLU A 667 38.98 35.27 26.46
C GLU A 667 39.18 33.81 26.87
N THR A 668 38.54 33.40 27.97
CA THR A 668 38.67 32.03 28.44
C THR A 668 38.12 31.06 27.40
N VAL A 669 38.78 29.93 27.24
CA VAL A 669 38.40 28.92 26.26
C VAL A 669 37.80 27.72 27.00
N PRO A 670 36.86 26.99 26.40
CA PRO A 670 36.28 25.84 27.08
C PRO A 670 37.27 24.69 27.20
N THR A 671 37.03 23.85 28.21
CA THR A 671 37.86 22.68 28.48
C THR A 671 37.00 21.43 28.42
N ASP A 672 37.54 20.38 27.80
CA ASP A 672 36.84 19.11 27.66
C ASP A 672 35.52 19.28 26.90
N PHE A 673 35.64 19.79 25.67
CA PHE A 673 34.50 20.04 24.81
C PHE A 673 34.57 19.27 23.50
N ALA A 674 35.51 18.33 23.37
CA ALA A 674 35.67 17.55 22.16
C ALA A 674 35.01 16.17 22.26
N GLN A 675 35.37 15.41 23.29
CA GLN A 675 34.78 14.08 23.45
C GLN A 675 33.27 14.17 23.65
N MET A 676 32.81 15.15 24.43
CA MET A 676 31.37 15.33 24.61
C MET A 676 30.70 15.63 23.28
N LEU A 677 31.31 16.49 22.47
CA LEU A 677 30.72 16.82 21.17
C LEU A 677 30.66 15.58 20.27
N GLN A 678 31.73 14.78 20.24
CA GLN A 678 31.71 13.57 19.42
C GLN A 678 30.65 12.59 19.90
N SER A 679 30.53 12.42 21.21
CA SER A 679 29.50 11.51 21.73
C SER A 679 28.10 12.00 21.38
N TYR A 680 27.86 13.30 21.52
CA TYR A 680 26.56 13.85 21.18
C TYR A 680 26.25 13.68 19.69
N THR A 681 27.24 13.90 18.84
CA THR A 681 27.04 13.71 17.41
C THR A 681 26.75 12.25 17.09
N ALA A 682 27.47 11.33 17.72
CA ALA A 682 27.22 9.91 17.50
C ALA A 682 25.86 9.48 18.04
N ALA A 683 25.34 10.15 19.06
CA ALA A 683 24.05 9.83 19.63
C ALA A 683 22.90 10.57 18.96
N GLY A 684 23.18 11.36 17.92
CA GLY A 684 22.15 12.10 17.21
C GLY A 684 21.87 13.48 17.78
N TYR A 685 22.48 13.84 18.90
CA TYR A 685 22.24 15.15 19.49
C TYR A 685 22.90 16.24 18.64
N ARG A 686 22.31 17.43 18.69
CA ARG A 686 22.83 18.60 17.99
C ARG A 686 23.31 19.61 19.03
N VAL A 687 24.55 20.05 18.89
CA VAL A 687 25.19 20.93 19.87
C VAL A 687 25.25 22.34 19.29
N VAL A 688 24.72 23.30 20.04
CA VAL A 688 24.73 24.71 19.65
C VAL A 688 25.25 25.52 20.84
N ALA A 689 26.16 26.45 20.57
CA ALA A 689 26.78 27.25 21.60
C ALA A 689 26.01 28.56 21.80
N LEU A 690 26.00 29.03 23.04
CA LEU A 690 25.34 30.27 23.42
C LEU A 690 26.43 31.22 23.92
N ALA A 691 26.96 32.03 23.01
CA ALA A 691 28.02 32.98 23.34
C ALA A 691 27.42 34.30 23.82
N SER A 692 28.23 35.04 24.58
CA SER A 692 27.80 36.32 25.12
C SER A 692 29.02 37.21 25.33
N LYS A 693 28.76 38.51 25.41
CA LYS A 693 29.80 39.50 25.63
C LYS A 693 29.21 40.74 26.28
N PRO A 694 29.60 41.09 27.52
CA PRO A 694 29.06 42.30 28.14
C PRO A 694 29.51 43.56 27.42
N LEU A 695 28.65 44.57 27.45
CA LEU A 695 28.93 45.85 26.81
C LEU A 695 28.23 46.95 27.61
N PRO A 696 28.90 48.05 27.94
CA PRO A 696 28.23 49.14 28.65
C PRO A 696 27.13 49.76 27.80
N THR A 697 26.31 50.57 28.45
CA THR A 697 25.15 51.16 27.77
C THR A 697 25.58 52.10 26.64
N VAL A 698 26.57 52.97 26.91
CA VAL A 698 26.93 53.98 25.93
C VAL A 698 27.49 53.36 24.65
N PRO A 699 28.50 52.47 24.70
CA PRO A 699 28.95 51.84 23.45
C PRO A 699 27.87 51.00 22.80
N SER A 700 27.01 50.36 23.59
CA SER A 700 25.94 49.53 23.04
C SER A 700 24.95 50.36 22.23
N LEU A 701 24.62 51.57 22.70
CA LEU A 701 23.70 52.42 21.95
C LEU A 701 24.24 52.73 20.57
N GLU A 702 25.51 53.13 20.48
CA GLU A 702 26.12 53.40 19.17
C GLU A 702 26.22 52.14 18.33
N ALA A 703 26.57 51.00 18.94
CA ALA A 703 26.66 49.77 18.17
C ALA A 703 25.31 49.41 17.55
N ALA A 704 24.24 49.52 18.32
CA ALA A 704 22.90 49.27 17.82
C ALA A 704 22.47 50.27 16.76
N GLN A 705 22.75 51.56 16.95
CA GLN A 705 22.38 52.61 16.00
C GLN A 705 23.10 52.47 14.66
N GLN A 706 24.40 52.15 14.69
CA GLN A 706 25.20 52.07 13.48
C GLN A 706 25.25 50.67 12.88
N LEU A 707 24.59 49.69 13.51
CA LEU A 707 24.57 48.32 13.00
C LEU A 707 25.99 47.76 12.86
N THR A 708 26.66 47.67 13.99
CA THR A 708 28.03 47.16 14.06
C THR A 708 28.00 45.68 14.44
N ARG A 709 28.75 44.87 13.69
CA ARG A 709 28.78 43.43 13.92
C ARG A 709 30.22 42.96 14.19
N ASP A 710 31.18 43.55 13.48
CA ASP A 710 32.57 43.15 13.67
C ASP A 710 33.06 43.44 15.07
N THR A 711 32.73 44.63 15.59
CA THR A 711 33.20 45.01 16.92
C THR A 711 32.61 44.16 18.03
N VAL A 712 31.33 43.80 17.94
CA VAL A 712 30.68 43.02 18.99
C VAL A 712 31.02 41.55 18.93
N GLU A 713 31.39 41.02 17.76
CA GLU A 713 31.72 39.62 17.61
C GLU A 713 33.21 39.32 17.76
N GLY A 714 34.04 40.33 18.02
CA GLY A 714 35.46 40.08 18.15
C GLY A 714 35.79 39.15 19.30
N ASP A 715 35.18 39.39 20.45
CA ASP A 715 35.39 38.56 21.64
C ASP A 715 34.04 38.21 22.24
N LEU A 716 33.90 36.97 22.69
CA LEU A 716 32.66 36.47 23.28
C LEU A 716 32.99 35.59 24.48
N SER A 717 31.94 35.04 25.10
CA SER A 717 32.10 34.17 26.25
C SER A 717 30.89 33.24 26.32
N LEU A 718 31.13 31.93 26.22
CA LEU A 718 30.06 30.97 26.27
C LEU A 718 29.46 30.88 27.66
N LEU A 719 28.14 30.68 27.72
CA LEU A 719 27.42 30.55 28.98
C LEU A 719 26.77 29.19 29.17
N GLY A 720 26.38 28.50 28.10
CA GLY A 720 25.73 27.21 28.23
C GLY A 720 25.58 26.54 26.88
N LEU A 721 25.06 25.33 26.91
CA LEU A 721 24.85 24.52 25.73
C LEU A 721 23.39 24.08 25.64
N LEU A 722 22.92 23.89 24.41
CA LEU A 722 21.55 23.48 24.15
C LEU A 722 21.54 22.33 23.16
N VAL A 723 20.68 21.34 23.40
CA VAL A 723 20.53 20.19 22.52
C VAL A 723 19.05 19.88 22.36
N MET A 724 18.74 19.07 21.35
CA MET A 724 17.37 18.70 21.04
C MET A 724 17.26 17.17 20.98
N ARG A 725 16.05 16.69 21.21
CA ARG A 725 15.76 15.26 21.17
C ARG A 725 14.47 15.02 20.42
N ASN A 726 14.33 13.80 19.89
CA ASN A 726 13.13 13.43 19.13
C ASN A 726 11.88 13.39 19.99
N LEU A 727 11.98 12.96 21.25
CA LEU A 727 10.84 12.86 22.15
C LEU A 727 9.76 11.94 21.56
N LEU A 728 10.12 10.68 21.43
CA LEU A 728 9.20 9.70 20.87
C LEU A 728 7.97 9.55 21.75
N LYS A 729 6.86 9.17 21.12
CA LYS A 729 5.61 9.04 21.85
C LYS A 729 5.71 7.90 22.87
N PRO A 730 5.30 8.15 24.13
CA PRO A 730 5.36 7.06 25.12
C PRO A 730 4.56 5.84 24.74
N GLN A 731 3.44 6.01 24.04
CA GLN A 731 2.56 4.91 23.68
C GLN A 731 3.17 3.96 22.65
N THR A 732 4.30 4.34 22.04
CA THR A 732 4.94 3.48 21.04
C THR A 732 5.53 2.22 21.64
N THR A 733 6.15 2.31 22.82
CA THR A 733 6.82 1.15 23.39
C THR A 733 5.87 0.01 23.71
N PRO A 734 4.73 0.22 24.37
CA PRO A 734 3.80 -0.90 24.59
C PRO A 734 3.31 -1.51 23.29
N VAL A 735 3.05 -0.70 22.27
CA VAL A 735 2.59 -1.23 20.99
C VAL A 735 3.67 -2.11 20.36
N ILE A 736 4.92 -1.64 20.40
CA ILE A 736 6.01 -2.42 19.83
C ILE A 736 6.18 -3.73 20.59
N GLN A 737 6.08 -3.67 21.93
CA GLN A 737 6.21 -4.89 22.72
C GLN A 737 5.10 -5.88 22.38
N ALA A 738 3.87 -5.39 22.27
CA ALA A 738 2.75 -6.27 21.94
C ALA A 738 2.93 -6.89 20.56
N LEU A 739 3.38 -6.08 19.59
CA LEU A 739 3.59 -6.60 18.24
C LEU A 739 4.67 -7.68 18.24
N ARG A 740 5.78 -7.43 18.95
CA ARG A 740 6.86 -8.42 18.98
C ARG A 740 6.46 -9.67 19.73
N ARG A 741 5.56 -9.55 20.71
CA ARG A 741 5.12 -10.73 21.47
C ARG A 741 4.45 -11.75 20.56
N THR A 742 3.84 -11.30 19.45
CA THR A 742 3.14 -12.19 18.53
C THR A 742 4.04 -12.73 17.44
N ARG A 743 5.35 -12.80 17.68
CA ARG A 743 6.31 -13.33 16.71
C ARG A 743 6.24 -12.57 15.39
N ILE A 744 6.15 -11.25 15.49
CA ILE A 744 6.16 -10.36 14.33
C ILE A 744 7.47 -9.59 14.34
N ARG A 745 8.18 -9.62 13.21
CA ARG A 745 9.48 -8.98 13.10
C ARG A 745 9.28 -7.54 12.64
N ALA A 746 9.88 -6.60 13.37
CA ALA A 746 9.75 -5.19 13.07
C ALA A 746 11.01 -4.67 12.40
N VAL A 747 10.82 -3.92 11.31
CA VAL A 747 11.91 -3.33 10.54
C VAL A 747 11.67 -1.83 10.41
N MET A 748 12.78 -1.09 10.39
CA MET A 748 12.74 0.37 10.31
C MET A 748 13.35 0.82 8.99
N VAL A 749 12.63 1.68 8.28
CA VAL A 749 13.09 2.27 7.03
C VAL A 749 12.92 3.77 7.12
N THR A 750 13.99 4.51 6.83
CA THR A 750 13.96 5.97 6.87
C THR A 750 15.13 6.51 6.07
N GLY A 751 14.98 7.75 5.62
CA GLY A 751 16.01 8.46 4.88
C GLY A 751 16.98 9.26 5.74
N ASP A 752 16.83 9.19 7.06
CA ASP A 752 17.70 9.95 7.95
C ASP A 752 19.07 9.28 8.06
N ASN A 753 20.01 10.00 8.68
CA ASN A 753 21.35 9.47 8.86
C ASN A 753 21.32 8.23 9.74
N LEU A 754 22.21 7.29 9.43
CA LEU A 754 22.25 6.03 10.17
C LEU A 754 22.56 6.26 11.64
N GLN A 755 23.33 7.30 11.95
CA GLN A 755 23.71 7.56 13.34
C GLN A 755 22.49 7.81 14.21
N THR A 756 21.53 8.60 13.73
CA THR A 756 20.32 8.86 14.49
C THR A 756 19.39 7.66 14.50
N ALA A 757 19.26 6.98 13.36
CA ALA A 757 18.34 5.85 13.27
C ALA A 757 18.75 4.72 14.21
N VAL A 758 20.05 4.41 14.25
CA VAL A 758 20.52 3.30 15.07
C VAL A 758 20.27 3.60 16.55
N THR A 759 20.57 4.82 17.00
CA THR A 759 20.35 5.15 18.40
C THR A 759 18.86 5.21 18.73
N VAL A 760 18.03 5.67 17.80
CA VAL A 760 16.59 5.66 18.04
C VAL A 760 16.08 4.23 18.20
N ALA A 761 16.55 3.32 17.33
CA ALA A 761 16.15 1.92 17.44
C ALA A 761 16.63 1.33 18.76
N ARG A 762 17.87 1.64 19.17
CA ARG A 762 18.38 1.13 20.43
C ARG A 762 17.57 1.63 21.61
N GLY A 763 17.18 2.91 21.59
CA GLY A 763 16.40 3.48 22.67
C GLY A 763 14.95 3.06 22.71
N CYS A 764 14.46 2.40 21.65
CA CYS A 764 13.08 1.92 21.66
C CYS A 764 12.82 0.89 22.74
N GLY A 765 13.83 0.10 23.11
CA GLY A 765 13.69 -0.88 24.17
C GLY A 765 13.04 -2.18 23.74
N MET A 766 12.74 -2.36 22.46
CA MET A 766 12.13 -3.60 22.01
C MET A 766 13.04 -4.79 22.26
N VAL A 767 14.32 -4.66 21.88
CA VAL A 767 15.30 -5.72 22.10
C VAL A 767 16.68 -5.12 21.86
N ALA A 768 17.70 -5.71 22.49
CA ALA A 768 19.08 -5.24 22.36
C ALA A 768 20.01 -6.40 22.05
N PRO A 769 19.98 -6.92 20.83
CA PRO A 769 20.94 -7.94 20.43
C PRO A 769 22.23 -7.30 19.94
N GLN A 770 23.15 -8.14 19.45
CA GLN A 770 24.37 -7.64 18.85
C GLN A 770 24.03 -6.83 17.61
N GLU A 771 24.64 -5.64 17.50
CA GLU A 771 24.36 -4.71 16.41
C GLU A 771 25.66 -4.35 15.70
N HIS A 772 25.63 -4.42 14.37
CA HIS A 772 26.77 -4.03 13.55
C HIS A 772 26.27 -3.36 12.28
N LEU A 773 27.12 -2.54 11.68
CA LEU A 773 26.79 -1.80 10.47
C LEU A 773 27.89 -1.98 9.44
N ILE A 774 27.51 -1.98 8.17
CA ILE A 774 28.45 -2.11 7.07
C ILE A 774 29.02 -0.73 6.75
N ILE A 775 30.35 -0.63 6.73
CA ILE A 775 31.01 0.64 6.46
C ILE A 775 31.22 0.81 4.96
N VAL A 776 30.78 1.95 4.44
CA VAL A 776 30.92 2.26 3.01
C VAL A 776 32.37 2.64 2.72
N HIS A 777 32.85 2.23 1.55
CA HIS A 777 34.24 2.51 1.16
C HIS A 777 34.28 3.19 -0.20
N ALA A 778 35.47 3.38 -0.75
CA ALA A 778 35.61 4.06 -2.02
C ALA A 778 35.00 3.24 -3.15
N THR A 779 34.56 3.93 -4.19
CA THR A 779 33.93 3.27 -5.33
C THR A 779 34.92 2.32 -6.01
N HIS A 780 34.41 1.20 -6.49
CA HIS A 780 35.23 0.20 -7.15
C HIS A 780 34.33 -0.77 -7.92
N PRO A 781 34.77 -1.30 -9.07
CA PRO A 781 33.93 -2.27 -9.78
C PRO A 781 33.55 -3.47 -8.93
N GLU A 782 34.45 -3.94 -8.08
CA GLU A 782 34.17 -5.00 -7.12
C GLU A 782 34.24 -4.42 -5.72
N ARG A 783 33.18 -4.63 -4.94
CA ARG A 783 33.04 -4.05 -3.61
C ARG A 783 32.89 -5.16 -2.57
N GLY A 784 33.62 -5.03 -1.47
CA GLY A 784 33.54 -5.97 -0.37
C GLY A 784 32.86 -5.34 0.83
N GLN A 785 32.06 -6.14 1.53
CA GLN A 785 31.30 -5.66 2.69
C GLN A 785 31.86 -6.29 3.96
N PRO A 786 32.64 -5.57 4.76
CA PRO A 786 33.16 -6.13 6.01
C PRO A 786 32.12 -6.04 7.11
N ALA A 787 32.51 -6.48 8.30
CA ALA A 787 31.65 -6.48 9.48
C ALA A 787 32.09 -5.37 10.43
N SER A 788 31.38 -5.27 11.55
CA SER A 788 31.66 -4.26 12.56
C SER A 788 31.17 -4.78 13.91
N LEU A 789 31.20 -3.90 14.92
CA LEU A 789 30.77 -4.27 16.26
C LEU A 789 30.25 -3.02 16.97
N GLU A 790 29.51 -3.25 18.04
CA GLU A 790 28.94 -2.16 18.82
C GLU A 790 30.05 -1.25 19.37
N PRO A 816 36.18 -14.89 15.31
CA PRO A 816 34.88 -15.23 14.74
C PRO A 816 34.07 -16.17 15.62
N ASP A 817 33.01 -15.64 16.25
CA ASP A 817 32.15 -16.42 17.13
C ASP A 817 30.71 -16.17 16.70
N PRO A 818 29.96 -17.20 16.30
CA PRO A 818 28.57 -16.96 15.89
C PRO A 818 27.73 -16.41 17.02
N ARG A 819 26.81 -15.52 16.67
CA ARG A 819 25.93 -14.88 17.65
C ARG A 819 24.58 -14.63 16.98
N SER A 820 23.71 -13.90 17.68
CA SER A 820 22.39 -13.55 17.18
C SER A 820 22.36 -12.15 16.56
N ARG A 821 23.47 -11.72 15.96
CA ARG A 821 23.54 -10.39 15.37
C ARG A 821 22.57 -10.27 14.21
N HIS A 822 22.09 -9.05 13.99
CA HIS A 822 21.13 -8.75 12.93
C HIS A 822 21.80 -7.89 11.87
N LEU A 823 21.52 -8.20 10.61
CA LEU A 823 22.12 -7.46 9.50
C LEU A 823 21.58 -6.03 9.46
N ALA A 824 22.44 -5.10 9.04
CA ALA A 824 22.05 -3.69 8.90
C ALA A 824 22.84 -3.11 7.74
N LEU A 825 22.15 -2.78 6.66
CA LEU A 825 22.78 -2.26 5.46
C LEU A 825 22.79 -0.73 5.51
N SER A 826 23.16 -0.10 4.39
CA SER A 826 23.21 1.35 4.27
C SER A 826 22.56 1.73 2.95
N GLY A 827 22.63 3.02 2.61
CA GLY A 827 22.04 3.53 1.40
C GLY A 827 22.76 3.06 0.16
N PRO A 828 24.00 3.51 -0.03
CA PRO A 828 24.74 3.11 -1.24
C PRO A 828 24.90 1.61 -1.40
N THR A 829 25.10 0.88 -0.29
CA THR A 829 25.28 -0.56 -0.40
C THR A 829 24.02 -1.24 -0.91
N PHE A 830 22.84 -0.80 -0.43
CA PHE A 830 21.59 -1.41 -0.87
C PHE A 830 21.40 -1.22 -2.37
N GLY A 831 21.68 -0.02 -2.89
CA GLY A 831 21.55 0.23 -4.31
C GLY A 831 22.63 -0.43 -5.15
N ILE A 832 23.81 -0.69 -4.56
CA ILE A 832 24.86 -1.35 -5.30
C ILE A 832 24.61 -2.86 -5.38
N ILE A 833 24.01 -3.43 -4.34
CA ILE A 833 23.73 -4.87 -4.33
C ILE A 833 22.67 -5.26 -5.35
N VAL A 834 21.87 -4.31 -5.84
CA VAL A 834 20.80 -4.65 -6.77
C VAL A 834 21.36 -5.23 -8.06
N LYS A 835 22.42 -4.62 -8.61
CA LYS A 835 22.93 -5.05 -9.90
C LYS A 835 23.47 -6.47 -9.85
N HIS A 836 24.21 -6.82 -8.79
CA HIS A 836 24.76 -8.15 -8.64
C HIS A 836 24.44 -8.68 -7.25
N PHE A 837 24.02 -9.95 -7.19
CA PHE A 837 23.69 -10.62 -5.93
C PHE A 837 24.36 -11.99 -5.91
N PRO A 838 25.69 -12.03 -5.76
CA PRO A 838 26.36 -13.34 -5.73
C PRO A 838 25.87 -14.24 -4.61
N LYS A 839 25.54 -13.66 -3.46
CA LYS A 839 25.05 -14.44 -2.32
C LYS A 839 24.53 -13.44 -1.29
N LEU A 840 24.07 -13.97 -0.14
CA LEU A 840 23.56 -13.17 0.96
C LEU A 840 22.32 -12.36 0.58
N LEU A 841 21.66 -12.73 -0.53
CA LEU A 841 20.45 -12.00 -0.93
C LEU A 841 19.28 -12.32 -0.01
N PRO A 842 18.94 -13.59 0.25
CA PRO A 842 17.81 -13.86 1.16
C PRO A 842 18.22 -13.82 2.62
N LYS A 843 19.50 -14.06 2.90
CA LYS A 843 20.00 -14.07 4.27
C LYS A 843 20.11 -12.67 4.87
N VAL A 844 20.06 -11.63 4.05
CA VAL A 844 20.19 -10.26 4.55
C VAL A 844 18.82 -9.68 4.89
N LEU A 845 17.86 -9.77 3.96
CA LEU A 845 16.54 -9.22 4.21
C LEU A 845 15.83 -9.92 5.36
N VAL A 846 16.10 -11.21 5.57
CA VAL A 846 15.47 -11.93 6.67
C VAL A 846 15.89 -11.38 8.02
N GLN A 847 17.17 -11.04 8.21
CA GLN A 847 17.65 -10.48 9.45
C GLN A 847 17.76 -8.96 9.43
N GLY A 848 17.40 -8.30 8.34
CA GLY A 848 17.47 -6.86 8.26
C GLY A 848 16.62 -6.18 9.32
N THR A 849 17.22 -5.25 10.07
CA THR A 849 16.54 -4.59 11.18
C THR A 849 16.33 -3.10 10.95
N VAL A 850 17.38 -2.35 10.64
CA VAL A 850 17.30 -0.90 10.48
C VAL A 850 17.93 -0.52 9.15
N PHE A 851 17.25 0.32 8.39
CA PHE A 851 17.74 0.84 7.12
C PHE A 851 17.71 2.37 7.17
N ALA A 852 18.80 3.00 6.75
CA ALA A 852 18.95 4.45 6.80
C ALA A 852 19.30 4.99 5.43
N ARG A 853 18.96 6.26 5.21
CA ARG A 853 19.24 6.95 3.95
C ARG A 853 18.64 6.20 2.76
N MET A 854 17.43 5.65 2.92
CA MET A 854 16.79 4.94 1.83
C MET A 854 16.16 5.93 0.86
N ALA A 855 16.47 5.76 -0.42
CA ALA A 855 15.92 6.63 -1.45
C ALA A 855 14.45 6.30 -1.71
N PRO A 856 13.65 7.29 -2.12
CA PRO A 856 12.23 7.00 -2.38
C PRO A 856 12.01 5.95 -3.45
N GLU A 857 12.87 5.91 -4.47
CA GLU A 857 12.72 4.92 -5.54
C GLU A 857 13.12 3.51 -5.11
N GLN A 858 14.09 3.39 -4.20
CA GLN A 858 14.55 2.08 -3.76
C GLN A 858 13.56 1.38 -2.83
N LYS A 859 12.62 2.13 -2.24
CA LYS A 859 11.63 1.50 -1.37
C LYS A 859 10.76 0.52 -2.15
N THR A 860 10.36 0.90 -3.37
CA THR A 860 9.57 -0.01 -4.20
C THR A 860 10.35 -1.28 -4.52
N GLU A 861 11.64 -1.13 -4.84
CA GLU A 861 12.46 -2.30 -5.12
C GLU A 861 12.58 -3.20 -3.89
N LEU A 862 12.75 -2.59 -2.72
CA LEU A 862 12.83 -3.38 -1.49
C LEU A 862 11.52 -4.12 -1.24
N VAL A 863 10.39 -3.45 -1.45
CA VAL A 863 9.10 -4.09 -1.24
C VAL A 863 8.94 -5.26 -2.21
N CYS A 864 9.30 -5.06 -3.48
CA CYS A 864 9.18 -6.13 -4.46
C CYS A 864 10.07 -7.31 -4.09
N GLU A 865 11.31 -7.04 -3.66
CA GLU A 865 12.21 -8.11 -3.27
C GLU A 865 11.67 -8.88 -2.08
N LEU A 866 11.12 -8.17 -1.08
CA LEU A 866 10.56 -8.83 0.09
C LEU A 866 9.36 -9.69 -0.29
N GLN A 867 8.49 -9.18 -1.18
CA GLN A 867 7.29 -9.90 -1.58
C GLN A 867 7.59 -11.06 -2.52
N LYS A 868 8.81 -11.16 -3.06
CA LYS A 868 9.16 -12.25 -3.95
C LYS A 868 9.19 -13.60 -3.24
N LEU A 869 9.21 -13.62 -1.91
CA LEU A 869 9.26 -14.85 -1.14
C LEU A 869 7.90 -15.22 -0.55
N GLN A 870 6.81 -14.72 -1.16
CA GLN A 870 5.46 -14.96 -0.66
C GLN A 870 5.34 -14.46 0.78
N TYR A 871 5.60 -13.17 0.95
CA TYR A 871 5.61 -12.53 2.26
C TYR A 871 4.78 -11.25 2.20
N CYS A 872 4.19 -10.89 3.34
CA CYS A 872 3.37 -9.69 3.47
C CYS A 872 4.17 -8.63 4.21
N VAL A 873 4.25 -7.44 3.61
CA VAL A 873 5.03 -6.33 4.15
C VAL A 873 4.08 -5.18 4.42
N GLY A 874 4.14 -4.64 5.64
CA GLY A 874 3.31 -3.51 6.01
C GLY A 874 4.05 -2.19 5.97
N MET A 875 3.75 -1.38 4.96
CA MET A 875 4.40 -0.08 4.80
C MET A 875 3.57 0.99 5.50
N CYS A 876 4.19 1.68 6.45
CA CYS A 876 3.53 2.73 7.21
C CYS A 876 4.36 4.01 7.12
N GLY A 877 3.69 5.12 6.85
CA GLY A 877 4.36 6.39 6.73
C GLY A 877 3.38 7.53 6.68
N ASP A 878 3.92 8.75 6.58
CA ASP A 878 3.09 9.94 6.51
C ASP A 878 3.51 10.90 5.40
N GLY A 879 4.69 10.73 4.80
CA GLY A 879 5.15 11.58 3.75
C GLY A 879 4.75 11.09 2.37
N ALA A 880 5.14 11.86 1.35
CA ALA A 880 4.84 11.53 -0.03
C ALA A 880 5.97 10.77 -0.72
N ASN A 881 7.02 10.40 0.02
CA ASN A 881 8.17 9.69 -0.56
C ASN A 881 8.00 8.18 -0.54
N ASP A 882 6.85 7.67 -0.07
CA ASP A 882 6.63 6.23 -0.02
C ASP A 882 5.32 5.83 -0.67
N CYS A 883 4.78 6.65 -1.59
CA CYS A 883 3.53 6.29 -2.25
C CYS A 883 3.69 5.01 -3.06
N GLY A 884 4.79 4.87 -3.80
CA GLY A 884 5.00 3.66 -4.57
C GLY A 884 5.12 2.42 -3.70
N ALA A 885 5.86 2.52 -2.59
CA ALA A 885 5.97 1.40 -1.67
C ALA A 885 4.62 1.05 -1.07
N LEU A 886 3.84 2.06 -0.69
CA LEU A 886 2.51 1.79 -0.13
C LEU A 886 1.63 1.10 -1.15
N LYS A 887 1.66 1.54 -2.41
CA LYS A 887 0.86 0.89 -3.44
C LYS A 887 1.32 -0.55 -3.65
N ALA A 888 2.63 -0.77 -3.70
CA ALA A 888 3.14 -2.13 -3.88
C ALA A 888 2.78 -3.02 -2.69
N ALA A 889 2.89 -2.49 -1.47
CA ALA A 889 2.58 -3.27 -0.28
C ALA A 889 1.11 -3.66 -0.27
N ASP A 890 0.84 -4.90 0.16
CA ASP A 890 -0.53 -5.38 0.20
C ASP A 890 -1.37 -4.58 1.19
N VAL A 891 -0.81 -4.26 2.36
CA VAL A 891 -1.50 -3.51 3.39
C VAL A 891 -0.61 -2.38 3.86
N GLY A 892 -1.18 -1.19 4.00
CA GLY A 892 -0.43 -0.04 4.47
C GLY A 892 -1.34 0.91 5.21
N ILE A 893 -0.72 1.71 6.08
CA ILE A 893 -1.45 2.68 6.90
C ILE A 893 -0.77 4.04 6.74
N SER A 894 -1.57 5.07 6.50
CA SER A 894 -1.10 6.43 6.35
C SER A 894 -1.69 7.29 7.45
N LEU A 895 -0.84 8.06 8.14
CA LEU A 895 -1.25 8.89 9.25
C LEU A 895 -1.52 10.33 8.84
N SER A 896 -1.44 10.64 7.54
CA SER A 896 -1.69 11.97 7.02
C SER A 896 -2.95 11.98 6.19
N GLN A 897 -3.80 12.99 6.40
CA GLN A 897 -5.06 13.07 5.66
C GLN A 897 -4.82 13.34 4.18
N ALA A 898 -3.70 13.94 3.83
CA ALA A 898 -3.36 14.28 2.46
C ALA A 898 -2.20 13.43 1.95
N GLU A 899 -1.86 13.62 0.68
CA GLU A 899 -0.75 12.93 0.06
C GLU A 899 -0.93 11.41 0.13
N ALA A 900 -0.33 10.78 1.15
CA ALA A 900 -0.39 9.32 1.25
C ALA A 900 -1.82 8.81 1.30
N SER A 901 -2.75 9.60 1.82
CA SER A 901 -4.14 9.16 1.91
C SER A 901 -4.73 8.88 0.53
N VAL A 902 -4.27 9.57 -0.51
CA VAL A 902 -4.83 9.38 -1.83
C VAL A 902 -4.58 7.98 -2.34
N VAL A 903 -3.35 7.47 -2.17
CA VAL A 903 -2.98 6.16 -2.69
C VAL A 903 -3.05 5.06 -1.65
N SER A 904 -2.90 5.37 -0.37
CA SER A 904 -2.92 4.35 0.66
C SER A 904 -4.30 3.69 0.74
N PRO A 905 -4.37 2.36 0.77
CA PRO A 905 -5.67 1.70 0.92
C PRO A 905 -6.40 2.08 2.20
N PHE A 906 -5.68 2.33 3.29
CA PHE A 906 -6.29 2.69 4.57
C PHE A 906 -5.77 4.04 5.02
N THR A 907 -6.68 4.85 5.55
CA THR A 907 -6.34 6.18 6.06
C THR A 907 -6.67 6.22 7.54
N SER A 908 -5.70 6.62 8.35
CA SER A 908 -5.85 6.69 9.79
C SER A 908 -5.96 8.15 10.23
N SER A 909 -6.97 8.44 11.05
CA SER A 909 -7.19 9.79 11.55
C SER A 909 -6.43 10.08 12.84
N MET A 910 -5.65 9.13 13.34
CA MET A 910 -4.88 9.30 14.56
C MET A 910 -3.40 9.28 14.24
N ALA A 911 -2.61 10.04 15.01
CA ALA A 911 -1.18 10.17 14.81
C ALA A 911 -0.39 9.17 15.63
N SER A 912 -0.97 8.02 15.95
CA SER A 912 -0.33 6.99 16.76
C SER A 912 -0.27 5.68 15.99
N ILE A 913 0.76 4.89 16.28
CA ILE A 913 0.95 3.59 15.62
C ILE A 913 0.21 2.47 16.32
N GLU A 914 -0.65 2.78 17.30
CA GLU A 914 -1.35 1.76 18.05
C GLU A 914 -2.44 1.06 17.23
N CYS A 915 -2.73 1.53 16.02
CA CYS A 915 -3.78 0.94 15.21
C CYS A 915 -3.36 -0.34 14.51
N VAL A 916 -2.06 -0.63 14.40
CA VAL A 916 -1.61 -1.80 13.67
C VAL A 916 -2.13 -3.10 14.29
N PRO A 917 -2.02 -3.31 15.61
CA PRO A 917 -2.60 -4.53 16.18
C PRO A 917 -4.09 -4.65 15.95
N MET A 918 -4.82 -3.53 16.01
CA MET A 918 -6.26 -3.57 15.75
C MET A 918 -6.54 -4.00 14.31
N VAL A 919 -5.78 -3.47 13.36
CA VAL A 919 -5.96 -3.85 11.96
C VAL A 919 -5.65 -5.33 11.78
N ILE A 920 -4.58 -5.81 12.40
CA ILE A 920 -4.22 -7.22 12.27
C ILE A 920 -5.32 -8.11 12.84
N ARG A 921 -5.84 -7.76 14.02
CA ARG A 921 -6.91 -8.55 14.62
C ARG A 921 -8.16 -8.53 13.74
N GLU A 922 -8.52 -7.36 13.20
CA GLU A 922 -9.69 -7.27 12.33
C GLU A 922 -9.50 -8.13 11.08
N GLY A 923 -8.31 -8.10 10.50
CA GLY A 923 -8.05 -8.92 9.33
C GLY A 923 -8.14 -10.40 9.64
N ARG A 924 -7.57 -10.83 10.78
CA ARG A 924 -7.65 -12.23 11.16
C ARG A 924 -9.10 -12.66 11.38
N CYS A 925 -9.89 -11.82 12.07
CA CYS A 925 -11.29 -12.14 12.29
C CYS A 925 -12.05 -12.22 10.98
N SER A 926 -11.79 -11.29 10.06
CA SER A 926 -12.45 -11.33 8.76
C SER A 926 -12.09 -12.58 7.99
N LEU A 927 -10.82 -12.98 8.03
CA LEU A 927 -10.40 -14.20 7.34
C LEU A 927 -11.09 -15.42 7.93
N ASP A 928 -11.16 -15.50 9.26
CA ASP A 928 -11.82 -16.63 9.90
C ASP A 928 -13.31 -16.68 9.54
N THR A 929 -13.96 -15.52 9.57
CA THR A 929 -15.38 -15.47 9.22
C THR A 929 -15.61 -15.86 7.77
N SER A 930 -14.72 -15.40 6.86
CA SER A 930 -14.84 -15.77 5.46
C SER A 930 -14.67 -17.27 5.28
N PHE A 931 -13.70 -17.86 5.96
CA PHE A 931 -13.51 -19.31 5.87
C PHE A 931 -14.73 -20.06 6.38
N SER A 932 -15.29 -19.62 7.51
CA SER A 932 -16.48 -20.27 8.05
C SER A 932 -17.66 -20.14 7.08
N VAL A 933 -17.84 -18.95 6.50
CA VAL A 933 -18.95 -18.75 5.57
C VAL A 933 -18.76 -19.61 4.33
N PHE A 934 -17.54 -19.70 3.81
CA PHE A 934 -17.28 -20.55 2.65
C PHE A 934 -17.57 -22.01 2.96
N LYS A 935 -17.14 -22.47 4.14
CA LYS A 935 -17.41 -23.86 4.52
C LYS A 935 -18.92 -24.12 4.63
N TYR A 936 -19.66 -23.18 5.24
CA TYR A 936 -21.09 -23.35 5.37
C TYR A 936 -21.76 -23.37 3.99
N MET A 937 -21.35 -22.47 3.10
CA MET A 937 -21.93 -22.43 1.77
C MET A 937 -21.65 -23.71 1.01
N ALA A 938 -20.42 -24.22 1.11
CA ALA A 938 -20.09 -25.48 0.43
C ALA A 938 -20.92 -26.63 0.98
N LEU A 939 -21.05 -26.70 2.31
CA LEU A 939 -21.86 -27.76 2.90
C LEU A 939 -23.31 -27.68 2.44
N TYR A 940 -23.87 -26.46 2.44
CA TYR A 940 -25.26 -26.30 2.01
C TYR A 940 -25.43 -26.68 0.54
N SER A 941 -24.50 -26.26 -0.31
CA SER A 941 -24.59 -26.59 -1.73
C SER A 941 -24.49 -28.09 -1.95
N LEU A 942 -23.57 -28.75 -1.25
CA LEU A 942 -23.44 -30.21 -1.40
C LEU A 942 -24.70 -30.93 -0.93
N THR A 943 -25.25 -30.49 0.21
CA THR A 943 -26.47 -31.11 0.72
C THR A 943 -27.62 -30.92 -0.26
N GLN A 944 -27.76 -29.72 -0.81
CA GLN A 944 -28.82 -29.45 -1.78
C GLN A 944 -28.63 -30.32 -3.02
N PHE A 945 -27.40 -30.42 -3.52
CA PHE A 945 -27.15 -31.22 -4.72
C PHE A 945 -27.47 -32.69 -4.47
N ILE A 946 -27.06 -33.22 -3.33
CA ILE A 946 -27.31 -34.64 -3.05
C ILE A 946 -28.81 -34.88 -2.85
N SER A 947 -29.51 -33.95 -2.19
CA SER A 947 -30.95 -34.10 -2.00
C SER A 947 -31.68 -34.06 -3.33
N VAL A 948 -31.25 -33.20 -4.25
CA VAL A 948 -31.85 -33.16 -5.58
C VAL A 948 -31.54 -34.45 -6.33
N LEU A 949 -30.31 -34.96 -6.23
CA LEU A 949 -29.93 -36.15 -6.96
C LEU A 949 -30.73 -37.36 -6.49
N ILE A 950 -30.89 -37.53 -5.18
CA ILE A 950 -31.64 -38.68 -4.67
C ILE A 950 -33.07 -38.63 -5.19
N LEU A 951 -33.70 -37.46 -5.13
CA LEU A 951 -35.06 -37.30 -5.62
C LEU A 951 -35.16 -37.51 -7.12
N TYR A 952 -34.09 -37.23 -7.88
CA TYR A 952 -34.13 -37.38 -9.32
C TYR A 952 -34.35 -38.83 -9.75
N THR A 953 -34.14 -39.79 -8.85
CA THR A 953 -34.39 -41.19 -9.21
C THR A 953 -35.85 -41.40 -9.60
N ILE A 954 -36.78 -40.80 -8.87
CA ILE A 954 -38.20 -40.84 -9.21
C ILE A 954 -38.60 -39.45 -9.69
N ASN A 955 -39.73 -39.34 -10.38
CA ASN A 955 -40.12 -38.08 -10.97
C ASN A 955 -40.54 -37.08 -9.90
N THR A 956 -39.61 -36.20 -9.51
CA THR A 956 -39.89 -35.16 -8.53
C THR A 956 -38.90 -34.01 -8.72
N ASN A 957 -39.25 -32.82 -8.23
CA ASN A 957 -38.41 -31.64 -8.32
C ASN A 957 -38.43 -30.82 -7.04
N LEU A 958 -38.94 -31.42 -5.96
CA LEU A 958 -39.00 -30.75 -4.66
C LEU A 958 -39.89 -29.50 -4.72
N GLY A 959 -40.73 -29.42 -5.75
CA GLY A 959 -41.63 -28.29 -5.86
C GLY A 959 -40.89 -27.01 -6.24
N ASP A 960 -41.64 -25.91 -6.14
CA ASP A 960 -41.13 -24.58 -6.45
C ASP A 960 -41.13 -23.69 -5.21
N LEU A 961 -42.25 -23.58 -4.50
CA LEU A 961 -42.30 -22.75 -3.30
C LEU A 961 -41.35 -23.26 -2.23
N GLN A 962 -41.27 -24.59 -2.05
CA GLN A 962 -40.34 -25.14 -1.08
C GLN A 962 -38.90 -24.76 -1.42
N PHE A 963 -38.52 -24.89 -2.69
CA PHE A 963 -37.17 -24.53 -3.10
C PHE A 963 -36.91 -23.04 -2.90
N LEU A 964 -37.88 -22.20 -3.24
CA LEU A 964 -37.71 -20.76 -3.05
C LEU A 964 -37.52 -20.42 -1.58
N ALA A 965 -38.31 -21.05 -0.71
CA ALA A 965 -38.15 -20.81 0.73
C ALA A 965 -36.78 -21.28 1.21
N ILE A 966 -36.38 -22.49 0.82
CA ILE A 966 -35.10 -23.01 1.27
C ILE A 966 -33.97 -22.09 0.84
N ASP A 967 -34.05 -21.57 -0.39
CA ASP A 967 -32.98 -20.71 -0.90
C ASP A 967 -32.99 -19.35 -0.21
N LEU A 968 -34.09 -18.60 -0.34
CA LEU A 968 -34.09 -17.21 0.11
C LEU A 968 -34.11 -17.10 1.63
N VAL A 969 -34.98 -17.87 2.29
CA VAL A 969 -35.23 -17.65 3.72
C VAL A 969 -34.06 -18.17 4.56
N ILE A 970 -33.80 -19.49 4.47
CA ILE A 970 -32.82 -20.10 5.37
C ILE A 970 -31.44 -19.54 5.11
N THR A 971 -31.05 -19.44 3.84
CA THR A 971 -29.68 -19.03 3.51
C THR A 971 -29.43 -17.58 3.90
N THR A 972 -30.32 -16.67 3.51
CA THR A 972 -30.08 -15.25 3.75
C THR A 972 -30.09 -14.93 5.24
N THR A 973 -31.07 -15.47 5.98
CA THR A 973 -31.21 -15.13 7.40
C THR A 973 -30.09 -15.72 8.24
N VAL A 974 -29.41 -16.76 7.76
CA VAL A 974 -28.37 -17.43 8.53
C VAL A 974 -26.99 -16.87 8.20
N ALA A 975 -26.68 -16.71 6.91
CA ALA A 975 -25.35 -16.26 6.51
C ALA A 975 -25.04 -14.88 7.07
N VAL A 976 -26.00 -13.95 6.98
CA VAL A 976 -25.76 -12.59 7.43
C VAL A 976 -25.52 -12.55 8.94
N LEU A 977 -26.32 -13.30 9.70
CA LEU A 977 -26.27 -13.22 11.15
C LEU A 977 -25.06 -13.93 11.76
N MET A 978 -24.35 -14.75 10.99
CA MET A 978 -23.20 -15.49 11.49
C MET A 978 -21.88 -14.78 11.22
N SER A 979 -21.91 -13.56 10.68
CA SER A 979 -20.71 -12.81 10.36
C SER A 979 -20.75 -11.39 10.93
N ARG A 980 -21.13 -11.27 12.20
CA ARG A 980 -21.22 -9.97 12.88
C ARG A 980 -20.54 -10.05 14.24
N THR A 981 -19.33 -10.61 14.28
CA THR A 981 -18.56 -10.73 15.50
C THR A 981 -17.14 -10.25 15.25
N GLY A 982 -16.50 -9.76 16.32
CA GLY A 982 -15.17 -9.23 16.23
C GLY A 982 -14.22 -9.84 17.25
N PRO A 983 -12.93 -9.54 17.10
CA PRO A 983 -11.95 -10.10 18.04
C PRO A 983 -12.06 -9.47 19.42
N ALA A 984 -11.59 -10.20 20.42
CA ALA A 984 -11.59 -9.76 21.80
C ALA A 984 -10.40 -8.84 22.04
N LEU A 985 -10.15 -8.50 23.31
CA LEU A 985 -9.07 -7.62 23.70
C LEU A 985 -7.78 -8.36 24.01
N VAL A 986 -7.76 -9.68 23.84
CA VAL A 986 -6.60 -10.51 24.12
C VAL A 986 -5.97 -10.91 22.79
N LEU A 987 -4.65 -10.72 22.69
CA LEU A 987 -3.90 -11.04 21.49
C LEU A 987 -3.23 -12.39 21.67
N GLY A 988 -3.49 -13.30 20.73
CA GLY A 988 -2.92 -14.63 20.77
C GLY A 988 -1.62 -14.72 20.01
N ARG A 989 -1.17 -15.96 19.78
CA ARG A 989 0.06 -16.24 19.06
C ARG A 989 -0.18 -17.02 17.77
N VAL A 990 -1.04 -18.04 17.81
CA VAL A 990 -1.32 -18.82 16.61
C VAL A 990 -2.01 -17.92 15.58
N ARG A 991 -1.60 -18.08 14.31
CA ARG A 991 -2.14 -17.28 13.23
C ARG A 991 -3.03 -18.15 12.33
N PRO A 992 -4.06 -17.57 11.71
CA PRO A 992 -4.96 -18.39 10.91
C PRO A 992 -4.29 -18.90 9.65
N PRO A 993 -4.74 -20.03 9.11
CA PRO A 993 -4.17 -20.50 7.83
C PRO A 993 -4.39 -19.49 6.72
N GLY A 994 -3.40 -19.39 5.84
CA GLY A 994 -3.45 -18.45 4.74
C GLY A 994 -4.17 -18.97 3.52
N ALA A 995 -4.62 -20.22 3.56
CA ALA A 995 -5.31 -20.83 2.43
C ALA A 995 -6.27 -21.89 2.94
N LEU A 996 -7.26 -22.21 2.10
CA LEU A 996 -8.26 -23.23 2.44
C LEU A 996 -7.84 -24.60 1.91
N LEU A 997 -6.62 -25.01 2.26
CA LEU A 997 -6.09 -26.30 1.82
C LEU A 997 -5.70 -27.21 2.98
N SER A 998 -5.93 -26.78 4.22
CA SER A 998 -5.58 -27.62 5.37
C SER A 998 -6.39 -28.91 5.36
N VAL A 999 -5.75 -29.99 5.79
CA VAL A 999 -6.36 -31.31 5.78
C VAL A 999 -7.45 -31.44 6.85
N PRO A 1000 -7.34 -30.80 8.03
CA PRO A 1000 -8.39 -31.03 9.04
C PRO A 1000 -9.76 -30.56 8.60
N VAL A 1001 -9.86 -29.37 8.01
CA VAL A 1001 -11.16 -28.85 7.60
C VAL A 1001 -11.75 -29.71 6.49
N LEU A 1002 -10.92 -30.10 5.52
CA LEU A 1002 -11.41 -30.95 4.44
C LEU A 1002 -11.89 -32.31 4.97
N SER A 1003 -11.14 -32.90 5.90
CA SER A 1003 -11.55 -34.16 6.48
C SER A 1003 -12.86 -34.02 7.24
N SER A 1004 -13.01 -32.94 8.00
CA SER A 1004 -14.25 -32.72 8.74
C SER A 1004 -15.42 -32.55 7.78
N LEU A 1005 -15.23 -31.79 6.69
CA LEU A 1005 -16.30 -31.61 5.71
C LEU A 1005 -16.69 -32.94 5.07
N LEU A 1006 -15.69 -33.75 4.71
CA LEU A 1006 -15.99 -35.05 4.11
C LEU A 1006 -16.73 -35.95 5.09
N LEU A 1007 -16.31 -35.95 6.36
CA LEU A 1007 -16.99 -36.76 7.36
C LEU A 1007 -18.43 -36.31 7.53
N GLN A 1008 -18.67 -34.99 7.57
CA GLN A 1008 -20.04 -34.49 7.69
C GLN A 1008 -20.87 -34.88 6.49
N MET A 1009 -20.28 -34.80 5.28
CA MET A 1009 -21.02 -35.16 4.07
C MET A 1009 -21.40 -36.63 4.09
N VAL A 1010 -20.46 -37.51 4.44
CA VAL A 1010 -20.77 -38.94 4.45
C VAL A 1010 -21.82 -39.24 5.52
N LEU A 1011 -21.71 -38.59 6.69
CA LEU A 1011 -22.70 -38.82 7.74
C LEU A 1011 -24.09 -38.39 7.29
N VAL A 1012 -24.20 -37.20 6.68
CA VAL A 1012 -25.51 -36.71 6.29
C VAL A 1012 -26.12 -37.57 5.19
N THR A 1013 -25.31 -37.95 4.19
CA THR A 1013 -25.85 -38.80 3.13
C THR A 1013 -26.25 -40.17 3.67
N GLY A 1014 -25.46 -40.73 4.59
CA GLY A 1014 -25.81 -42.02 5.15
C GLY A 1014 -27.09 -41.98 5.96
N VAL A 1015 -27.26 -40.93 6.79
CA VAL A 1015 -28.49 -40.84 7.58
C VAL A 1015 -29.69 -40.59 6.66
N GLN A 1016 -29.50 -39.81 5.60
CA GLN A 1016 -30.59 -39.60 4.64
C GLN A 1016 -30.99 -40.91 3.97
N LEU A 1017 -30.00 -41.70 3.55
CA LEU A 1017 -30.31 -42.99 2.93
C LEU A 1017 -31.00 -43.93 3.92
N GLY A 1018 -30.55 -43.93 5.17
CA GLY A 1018 -31.20 -44.76 6.18
C GLY A 1018 -32.64 -44.36 6.41
N GLY A 1019 -32.89 -43.05 6.49
CA GLY A 1019 -34.26 -42.58 6.65
C GLY A 1019 -35.13 -42.93 5.47
N TYR A 1020 -34.59 -42.80 4.25
CA TYR A 1020 -35.35 -43.17 3.06
C TYR A 1020 -35.68 -44.66 3.07
N PHE A 1021 -34.72 -45.50 3.43
CA PHE A 1021 -34.99 -46.94 3.50
C PHE A 1021 -36.04 -47.24 4.56
N LEU A 1022 -35.95 -46.58 5.72
CA LEU A 1022 -36.92 -46.81 6.78
C LEU A 1022 -38.32 -46.42 6.34
N THR A 1023 -38.46 -45.26 5.69
CA THR A 1023 -39.78 -44.80 5.28
C THR A 1023 -40.31 -45.58 4.09
N LEU A 1024 -39.43 -46.21 3.30
CA LEU A 1024 -39.88 -47.06 2.20
C LEU A 1024 -40.31 -48.45 2.67
N ALA A 1025 -39.54 -49.07 3.56
CA ALA A 1025 -39.93 -50.38 4.08
C ALA A 1025 -41.23 -50.29 4.89
N GLN A 1026 -41.39 -49.24 5.68
CA GLN A 1026 -42.61 -49.06 6.44
C GLN A 1026 -43.80 -48.99 5.49
N PRO A 1027 -44.93 -49.61 5.81
CA PRO A 1027 -46.07 -49.62 4.89
C PRO A 1027 -46.87 -48.33 5.00
N TRP A 1028 -46.88 -47.55 3.92
CA TRP A 1028 -47.54 -46.25 3.88
C TRP A 1028 -48.90 -46.38 3.21
N PHE A 1029 -49.63 -45.26 3.21
CA PHE A 1029 -51.03 -45.28 2.80
C PHE A 1029 -51.20 -45.71 1.34
N VAL A 1030 -50.69 -44.91 0.41
CA VAL A 1030 -50.95 -45.11 -1.01
C VAL A 1030 -49.65 -45.07 -1.80
N PRO A 1031 -49.44 -45.96 -2.76
CA PRO A 1031 -48.24 -45.88 -3.60
C PRO A 1031 -48.20 -44.58 -4.39
N LEU A 1032 -46.98 -44.09 -4.59
CA LEU A 1032 -46.77 -42.87 -5.36
C LEU A 1032 -47.17 -43.09 -6.82
N ASN A 1033 -47.70 -42.03 -7.44
CA ASN A 1033 -48.09 -42.07 -8.85
C ASN A 1033 -46.87 -41.77 -9.70
N ARG A 1034 -46.32 -42.81 -10.33
CA ARG A 1034 -45.12 -42.69 -11.13
C ARG A 1034 -45.43 -42.67 -12.63
N THR A 1035 -46.58 -42.12 -13.01
CA THR A 1035 -46.97 -42.06 -14.43
C THR A 1035 -46.52 -40.75 -15.08
N VAL A 1036 -46.95 -39.62 -14.52
CA VAL A 1036 -46.61 -38.32 -15.09
C VAL A 1036 -45.22 -37.93 -14.62
N ALA A 1037 -44.35 -37.59 -15.57
CA ALA A 1037 -42.99 -37.14 -15.26
C ALA A 1037 -42.93 -35.61 -15.25
N ALA A 1038 -43.66 -35.02 -14.29
CA ALA A 1038 -43.75 -33.58 -14.16
C ALA A 1038 -44.12 -33.26 -12.72
N PRO A 1039 -43.87 -32.01 -12.27
CA PRO A 1039 -44.19 -31.63 -10.88
C PRO A 1039 -45.68 -31.31 -10.67
N ASP A 1040 -46.54 -32.22 -11.12
CA ASP A 1040 -47.98 -32.11 -10.92
C ASP A 1040 -48.50 -33.00 -9.81
N ASN A 1041 -47.75 -34.04 -9.44
CA ASN A 1041 -48.11 -34.94 -8.35
C ASN A 1041 -47.36 -34.61 -7.07
N LEU A 1042 -47.13 -33.32 -6.81
CA LEU A 1042 -46.34 -32.93 -5.63
C LEU A 1042 -46.87 -33.53 -4.33
N PRO A 1043 -48.18 -33.54 -4.06
CA PRO A 1043 -48.64 -34.11 -2.79
C PRO A 1043 -48.41 -35.61 -2.69
N ASN A 1044 -47.46 -36.00 -1.85
CA ASN A 1044 -47.13 -37.41 -1.67
C ASN A 1044 -46.27 -37.54 -0.42
N TYR A 1045 -46.17 -38.78 0.07
CA TYR A 1045 -45.41 -39.06 1.28
C TYR A 1045 -43.91 -39.07 1.04
N GLU A 1046 -43.45 -39.24 -0.21
CA GLU A 1046 -42.02 -39.29 -0.47
C GLU A 1046 -41.37 -37.92 -0.33
N ASN A 1047 -41.99 -36.87 -0.87
CA ASN A 1047 -41.44 -35.53 -0.81
C ASN A 1047 -41.56 -34.89 0.56
N THR A 1048 -42.66 -35.13 1.27
CA THR A 1048 -42.85 -34.52 2.59
C THR A 1048 -41.80 -34.98 3.60
N VAL A 1049 -41.50 -36.28 3.63
CA VAL A 1049 -40.51 -36.81 4.57
C VAL A 1049 -39.09 -36.39 4.22
N VAL A 1050 -38.83 -36.03 2.96
CA VAL A 1050 -37.48 -35.65 2.54
C VAL A 1050 -37.25 -34.15 2.75
N PHE A 1051 -38.21 -33.33 2.33
CA PHE A 1051 -38.04 -31.88 2.45
C PHE A 1051 -37.87 -31.46 3.90
N SER A 1052 -38.77 -31.92 4.78
CA SER A 1052 -38.68 -31.56 6.19
C SER A 1052 -37.40 -32.10 6.81
N LEU A 1053 -37.01 -33.33 6.48
CA LEU A 1053 -35.79 -33.90 7.05
C LEU A 1053 -34.56 -33.11 6.62
N SER A 1054 -34.49 -32.71 5.35
CA SER A 1054 -33.34 -31.96 4.87
C SER A 1054 -33.35 -30.50 5.35
N SER A 1055 -34.51 -29.94 5.67
CA SER A 1055 -34.56 -28.55 6.11
C SER A 1055 -33.75 -28.36 7.39
N PHE A 1056 -33.87 -29.28 8.35
CA PHE A 1056 -33.14 -29.14 9.60
C PHE A 1056 -31.64 -29.27 9.42
N GLN A 1057 -31.19 -29.92 8.34
CA GLN A 1057 -29.76 -30.16 8.16
C GLN A 1057 -28.99 -28.84 8.00
N TYR A 1058 -29.55 -27.90 7.24
CA TYR A 1058 -28.86 -26.63 7.04
C TYR A 1058 -28.70 -25.88 8.36
N LEU A 1059 -29.77 -25.83 9.16
CA LEU A 1059 -29.68 -25.15 10.45
C LEU A 1059 -28.70 -25.87 11.37
N ILE A 1060 -28.70 -27.20 11.34
CA ILE A 1060 -27.79 -27.96 12.19
C ILE A 1060 -26.35 -27.66 11.83
N LEU A 1061 -26.04 -27.63 10.53
CA LEU A 1061 -24.67 -27.39 10.09
C LEU A 1061 -24.25 -25.93 10.27
N ALA A 1062 -25.19 -24.99 10.23
CA ALA A 1062 -24.85 -23.58 10.38
C ALA A 1062 -24.28 -23.27 11.77
N ALA A 1063 -24.71 -23.99 12.80
CA ALA A 1063 -24.28 -23.73 14.17
C ALA A 1063 -23.09 -24.57 14.60
N ALA A 1064 -22.52 -25.36 13.68
CA ALA A 1064 -21.38 -26.21 14.00
C ALA A 1064 -20.19 -25.96 13.07
N VAL A 1065 -20.07 -24.74 12.53
CA VAL A 1065 -18.99 -24.41 11.62
C VAL A 1065 -18.29 -23.10 11.98
N SER A 1066 -18.67 -22.46 13.09
CA SER A 1066 -18.07 -21.20 13.51
C SER A 1066 -17.14 -21.44 14.68
N LYS A 1067 -15.91 -20.96 14.57
CA LYS A 1067 -14.94 -21.10 15.64
C LYS A 1067 -15.28 -20.18 16.80
N GLY A 1068 -14.87 -20.58 17.99
CA GLY A 1068 -15.23 -19.85 19.21
C GLY A 1068 -14.06 -19.18 19.90
N ALA A 1069 -13.54 -19.83 20.94
CA ALA A 1069 -12.55 -19.21 21.82
C ALA A 1069 -11.33 -18.66 21.12
N PRO A 1070 -10.68 -19.36 20.18
CA PRO A 1070 -9.36 -18.90 19.74
C PRO A 1070 -9.38 -17.58 18.98
N PHE A 1071 -10.35 -17.39 18.09
CA PHE A 1071 -10.42 -16.19 17.27
C PHE A 1071 -11.67 -15.35 17.54
N ARG A 1072 -12.85 -15.95 17.46
CA ARG A 1072 -14.09 -15.21 17.58
C ARG A 1072 -14.45 -15.00 19.06
N ARG A 1073 -15.40 -14.09 19.28
CA ARG A 1073 -15.92 -13.88 20.62
C ARG A 1073 -16.77 -15.08 21.04
N PRO A 1074 -16.88 -15.35 22.35
CA PRO A 1074 -17.74 -16.45 22.79
C PRO A 1074 -19.13 -16.39 22.17
N LEU A 1075 -19.63 -17.54 21.71
CA LEU A 1075 -20.89 -17.57 20.98
C LEU A 1075 -22.06 -17.11 21.86
N TYR A 1076 -22.08 -17.53 23.13
CA TYR A 1076 -23.20 -17.20 23.99
C TYR A 1076 -23.35 -15.69 24.15
N THR A 1077 -22.23 -14.96 24.24
CA THR A 1077 -22.31 -13.51 24.39
C THR A 1077 -23.02 -12.87 23.20
N ASN A 1078 -22.70 -13.30 21.99
CA ASN A 1078 -23.32 -12.79 20.77
C ASN A 1078 -24.52 -13.68 20.45
N VAL A 1079 -25.71 -13.17 20.73
CA VAL A 1079 -26.93 -13.96 20.63
C VAL A 1079 -28.01 -13.32 19.74
N PRO A 1080 -27.66 -12.53 18.72
CA PRO A 1080 -28.67 -12.19 17.71
C PRO A 1080 -29.08 -13.36 16.84
N PHE A 1081 -28.24 -14.39 16.80
CA PHE A 1081 -28.43 -15.47 15.84
C PHE A 1081 -29.11 -16.68 16.48
N LEU A 1082 -28.82 -16.93 17.75
CA LEU A 1082 -29.44 -18.07 18.43
C LEU A 1082 -30.95 -17.90 18.51
N VAL A 1083 -31.42 -16.68 18.78
CA VAL A 1083 -32.86 -16.43 18.87
C VAL A 1083 -33.52 -16.70 17.52
N ALA A 1084 -32.91 -16.21 16.44
CA ALA A 1084 -33.48 -16.42 15.11
C ALA A 1084 -33.50 -17.91 14.76
N LEU A 1085 -32.41 -18.62 15.08
CA LEU A 1085 -32.37 -20.05 14.80
C LEU A 1085 -33.43 -20.80 15.60
N ALA A 1086 -33.61 -20.43 16.87
CA ALA A 1086 -34.63 -21.08 17.69
C ALA A 1086 -36.02 -20.81 17.13
N LEU A 1087 -36.30 -19.58 16.71
CA LEU A 1087 -37.60 -19.28 16.13
C LEU A 1087 -37.82 -20.06 14.84
N LEU A 1088 -36.79 -20.14 13.99
CA LEU A 1088 -36.93 -20.89 12.75
C LEU A 1088 -37.19 -22.38 13.02
N SER A 1089 -36.45 -22.95 13.97
CA SER A 1089 -36.67 -24.35 14.33
C SER A 1089 -38.07 -24.56 14.89
N SER A 1090 -38.52 -23.64 15.74
CA SER A 1090 -39.85 -23.76 16.33
C SER A 1090 -40.94 -23.72 15.27
N VAL A 1091 -40.82 -22.78 14.32
CA VAL A 1091 -41.84 -22.68 13.28
C VAL A 1091 -41.79 -23.88 12.35
N LEU A 1092 -40.59 -24.39 12.06
CA LEU A 1092 -40.49 -25.60 11.25
C LEU A 1092 -41.13 -26.79 11.94
N VAL A 1093 -40.88 -26.96 13.25
CA VAL A 1093 -41.49 -28.04 14.00
C VAL A 1093 -43.00 -27.88 14.03
N GLY A 1094 -43.50 -26.65 14.21
CA GLY A 1094 -44.93 -26.44 14.21
C GLY A 1094 -45.57 -26.79 12.88
N LEU A 1095 -44.98 -26.31 11.78
CA LEU A 1095 -45.53 -26.59 10.46
C LEU A 1095 -45.39 -28.05 10.07
N VAL A 1096 -44.46 -28.79 10.65
CA VAL A 1096 -44.30 -30.21 10.38
C VAL A 1096 -45.04 -31.08 11.38
N LEU A 1097 -45.74 -30.49 12.34
CA LEU A 1097 -46.49 -31.25 13.34
C LEU A 1097 -47.99 -31.02 13.21
N VAL A 1098 -48.45 -29.78 13.28
CA VAL A 1098 -49.89 -29.51 13.24
C VAL A 1098 -50.34 -29.41 11.78
N PRO A 1099 -51.30 -30.22 11.34
CA PRO A 1099 -51.75 -30.14 9.95
C PRO A 1099 -52.48 -28.83 9.68
N GLY A 1100 -52.40 -28.37 8.43
CA GLY A 1100 -53.13 -27.20 8.01
C GLY A 1100 -52.52 -25.87 8.40
N LEU A 1101 -51.31 -25.86 8.94
CA LEU A 1101 -50.67 -24.60 9.32
C LEU A 1101 -50.12 -23.88 8.08
N LEU A 1102 -49.27 -24.55 7.32
CA LEU A 1102 -48.71 -23.99 6.09
C LEU A 1102 -48.72 -24.99 4.94
N GLN A 1103 -49.56 -26.02 5.03
CA GLN A 1103 -49.63 -27.04 3.99
C GLN A 1103 -50.43 -26.60 2.78
N GLY A 1104 -51.16 -25.48 2.86
CA GLY A 1104 -51.93 -24.99 1.75
C GLY A 1104 -51.06 -24.41 0.66
N PRO A 1105 -50.37 -23.31 0.96
CA PRO A 1105 -49.47 -22.72 -0.06
C PRO A 1105 -48.28 -23.60 -0.37
N LEU A 1106 -47.62 -24.13 0.66
CA LEU A 1106 -46.48 -25.01 0.47
C LEU A 1106 -46.93 -26.37 -0.05
N ALA A 1107 -46.03 -27.03 -0.78
CA ALA A 1107 -46.32 -28.34 -1.36
C ALA A 1107 -46.12 -29.41 -0.29
N LEU A 1108 -47.05 -29.45 0.66
CA LEU A 1108 -47.00 -30.42 1.76
C LEU A 1108 -48.25 -31.28 1.76
N ARG A 1109 -48.16 -32.48 2.32
CA ARG A 1109 -49.28 -33.41 2.36
C ARG A 1109 -49.54 -33.81 3.80
N ASN A 1110 -50.81 -33.88 4.18
CA ASN A 1110 -51.18 -34.25 5.54
C ASN A 1110 -50.77 -35.69 5.83
N ILE A 1111 -50.36 -35.92 7.08
CA ILE A 1111 -49.93 -37.24 7.54
C ILE A 1111 -50.70 -37.58 8.81
N THR A 1112 -51.20 -38.80 8.87
CA THR A 1112 -51.96 -39.24 10.04
C THR A 1112 -51.08 -39.23 11.29
N ASP A 1113 -51.69 -38.88 12.41
CA ASP A 1113 -50.97 -38.78 13.68
C ASP A 1113 -50.53 -40.18 14.12
N THR A 1114 -49.23 -40.45 14.02
CA THR A 1114 -48.65 -41.73 14.43
C THR A 1114 -47.30 -41.45 15.08
N GLY A 1115 -46.51 -42.51 15.26
CA GLY A 1115 -45.20 -42.41 15.87
C GLY A 1115 -44.09 -42.01 14.93
N PHE A 1116 -44.39 -41.72 13.66
CA PHE A 1116 -43.34 -41.34 12.73
C PHE A 1116 -42.66 -40.05 13.17
N LYS A 1117 -43.43 -39.09 13.67
CA LYS A 1117 -42.86 -37.82 14.11
C LYS A 1117 -41.85 -38.04 15.25
N LEU A 1118 -42.19 -38.93 16.19
CA LEU A 1118 -41.27 -39.21 17.29
C LEU A 1118 -39.95 -39.78 16.78
N LEU A 1119 -40.03 -40.72 15.83
CA LEU A 1119 -38.82 -41.31 15.28
C LEU A 1119 -38.00 -40.27 14.54
N LEU A 1120 -38.66 -39.40 13.77
CA LEU A 1120 -37.93 -38.34 13.06
C LEU A 1120 -37.25 -37.40 14.04
N LEU A 1121 -37.94 -37.02 15.11
CA LEU A 1121 -37.33 -36.15 16.11
C LEU A 1121 -36.15 -36.82 16.79
N GLY A 1122 -36.27 -38.12 17.09
CA GLY A 1122 -35.16 -38.84 17.67
C GLY A 1122 -33.96 -38.90 16.75
N LEU A 1123 -34.21 -39.15 15.46
CA LEU A 1123 -33.12 -39.17 14.49
C LEU A 1123 -32.45 -37.80 14.40
N VAL A 1124 -33.25 -36.73 14.38
CA VAL A 1124 -32.70 -35.38 14.32
C VAL A 1124 -31.83 -35.10 15.54
N THR A 1125 -32.33 -35.47 16.73
CA THR A 1125 -31.58 -35.22 17.95
C THR A 1125 -30.27 -36.01 17.98
N LEU A 1126 -30.31 -37.28 17.59
CA LEU A 1126 -29.09 -38.09 17.61
C LEU A 1126 -28.08 -37.55 16.61
N ASN A 1127 -28.55 -37.14 15.41
CA ASN A 1127 -27.64 -36.53 14.45
C ASN A 1127 -27.05 -35.24 14.98
N PHE A 1128 -27.87 -34.43 15.66
CA PHE A 1128 -27.39 -33.18 16.22
C PHE A 1128 -26.28 -33.42 17.25
N VAL A 1129 -26.52 -34.35 18.18
CA VAL A 1129 -25.53 -34.61 19.21
C VAL A 1129 -24.26 -35.21 18.61
N GLY A 1130 -24.42 -36.09 17.62
CA GLY A 1130 -23.24 -36.65 16.96
C GLY A 1130 -22.42 -35.60 16.26
N ALA A 1131 -23.08 -34.70 15.52
CA ALA A 1131 -22.35 -33.63 14.83
C ALA A 1131 -21.66 -32.71 15.83
N PHE A 1132 -22.35 -32.37 16.93
CA PHE A 1132 -21.72 -31.51 17.94
C PHE A 1132 -20.51 -32.17 18.55
N MET A 1133 -20.61 -33.47 18.87
CA MET A 1133 -19.47 -34.19 19.44
C MET A 1133 -18.32 -34.24 18.44
N LEU A 1134 -18.62 -34.48 17.16
CA LEU A 1134 -17.58 -34.52 16.14
C LEU A 1134 -16.87 -33.17 16.04
N GLU A 1135 -17.65 -32.08 16.03
CA GLU A 1135 -17.05 -30.76 15.96
C GLU A 1135 -16.19 -30.48 17.18
N SER A 1136 -16.68 -30.83 18.36
CA SER A 1136 -15.92 -30.59 19.58
C SER A 1136 -14.60 -31.36 19.58
N VAL A 1137 -14.64 -32.63 19.21
CA VAL A 1137 -13.42 -33.43 19.20
C VAL A 1137 -12.45 -32.99 18.11
N LEU A 1138 -12.95 -32.60 16.93
CA LEU A 1138 -12.08 -32.16 15.84
C LEU A 1138 -11.49 -30.77 16.08
N ASP A 1139 -12.19 -29.92 16.84
CA ASP A 1139 -11.67 -28.58 17.10
C ASP A 1139 -10.35 -28.60 17.84
N GLN A 1140 -10.18 -29.50 18.82
CA GLN A 1140 -8.93 -29.56 19.56
C GLN A 1140 -7.74 -29.95 18.68
N CYS A 1141 -8.01 -30.53 17.50
CA CYS A 1141 -6.94 -30.93 16.59
C CYS A 1141 -5.96 -31.89 17.27
N LEU A 1142 -6.49 -32.79 18.10
CA LEU A 1142 -5.64 -33.75 18.78
C LEU A 1142 -4.86 -34.64 17.82
N PRO A 1143 -5.47 -35.19 16.75
CA PRO A 1143 -4.70 -36.03 15.83
C PRO A 1143 -3.68 -35.27 15.00
N ALA A 1144 -3.73 -33.94 15.00
CA ALA A 1144 -2.80 -33.17 14.16
C ALA A 1144 -1.35 -33.40 14.59
N CYS A 1145 -1.08 -33.28 15.90
CA CYS A 1145 0.28 -33.51 16.38
C CYS A 1145 0.74 -34.94 16.12
N LEU A 1146 -0.14 -35.91 16.34
CA LEU A 1146 0.23 -37.31 16.09
C LEU A 1146 0.58 -37.53 14.63
N ARG A 1147 -0.21 -36.96 13.71
CA ARG A 1147 0.08 -37.10 12.29
C ARG A 1147 1.29 -36.27 11.87
N ARG A 1148 1.67 -35.28 12.66
CA ARG A 1148 2.82 -34.45 12.35
C ARG A 1148 4.15 -35.13 12.65
N LEU A 1149 4.13 -36.33 13.24
CA LEU A 1149 5.33 -37.09 13.55
C LEU A 1149 5.49 -38.18 12.49
N ARG A 1150 6.39 -37.98 11.54
CA ARG A 1150 7.26 -36.81 11.36
C ARG A 1150 7.51 -36.52 9.88
N PRO A 1151 6.47 -36.08 9.16
CA PRO A 1151 6.66 -35.67 7.76
C PRO A 1151 7.17 -34.23 7.70
N LYS A 1152 8.40 -34.06 7.24
CA LYS A 1152 9.00 -32.73 7.18
C LYS A 1152 8.20 -31.84 6.25
N ARG A 1153 7.92 -30.62 6.69
CA ARG A 1153 7.17 -29.65 5.90
C ARG A 1153 8.10 -28.50 5.53
N ALA A 1154 8.20 -28.22 4.23
CA ALA A 1154 9.06 -27.17 3.70
C ALA A 1154 8.33 -26.36 2.64
N SER A 1155 7.03 -26.11 2.86
CA SER A 1155 6.24 -25.35 1.91
C SER A 1155 6.40 -23.85 2.15
N LYS A 1156 7.64 -23.38 2.20
CA LYS A 1156 7.93 -21.97 2.41
C LYS A 1156 9.33 -21.68 1.92
N LYS A 1157 9.56 -20.43 1.50
CA LYS A 1157 10.85 -20.00 1.01
C LYS A 1157 11.75 -19.44 2.11
N ARG A 1158 11.22 -19.22 3.31
CA ARG A 1158 11.96 -18.64 4.41
C ARG A 1158 12.32 -19.64 5.49
N PHE A 1159 11.42 -20.56 5.82
CA PHE A 1159 11.71 -21.53 6.88
C PHE A 1159 12.86 -22.45 6.48
N LYS A 1160 12.92 -22.84 5.21
CA LYS A 1160 13.99 -23.73 4.77
C LYS A 1160 15.36 -23.11 4.97
N GLN A 1161 15.51 -21.82 4.66
CA GLN A 1161 16.78 -21.13 4.87
C GLN A 1161 17.02 -20.81 6.34
N LEU A 1162 15.96 -20.52 7.10
CA LEU A 1162 16.13 -20.24 8.53
C LEU A 1162 16.63 -21.47 9.26
N GLU A 1163 16.14 -22.66 8.89
CA GLU A 1163 16.60 -23.88 9.52
C GLU A 1163 18.10 -24.08 9.31
N ARG A 1164 18.58 -23.84 8.09
CA ARG A 1164 20.01 -23.96 7.81
C ARG A 1164 20.79 -22.89 8.55
N GLU A 1165 20.28 -21.67 8.60
CA GLU A 1165 20.98 -20.59 9.28
C GLU A 1165 21.13 -20.88 10.77
N LEU A 1166 20.08 -21.42 11.39
CA LEU A 1166 20.09 -21.70 12.83
C LEU A 1166 21.01 -22.87 13.19
N ALA A 1167 21.52 -23.61 12.20
CA ALA A 1167 22.39 -24.74 12.50
C ALA A 1167 23.66 -24.28 13.22
N GLU A 1168 24.25 -23.18 12.76
CA GLU A 1168 25.46 -22.64 13.38
C GLU A 1168 25.17 -21.31 14.06
AL ALF B . 9.91 9.17 6.93
F1 ALF B . 8.82 10.17 7.97
F2 ALF B . 10.99 8.17 5.90
F3 ALF B . 8.54 8.85 5.81
F4 ALF B . 11.27 9.49 8.07
MG MG C . 7.00 9.28 7.30
N1 SPM D . -41.67 -26.80 -14.32
C2 SPM D . -40.62 -26.67 -13.30
C3 SPM D . -40.44 -25.24 -12.86
C4 SPM D . -39.36 -25.05 -11.82
N5 SPM D . -39.63 -25.83 -10.61
C6 SPM D . -38.62 -25.77 -9.56
C7 SPM D . -38.42 -24.36 -9.04
C8 SPM D . -37.28 -23.63 -9.73
C9 SPM D . -35.91 -24.12 -9.29
N10 SPM D . -34.84 -23.45 -10.03
C11 SPM D . -33.48 -23.77 -9.60
C12 SPM D . -33.19 -23.24 -8.21
C13 SPM D . -31.73 -23.29 -7.83
N14 SPM D . -31.20 -24.65 -7.88
HN11 SPM D . -41.76 -27.65 -14.56
HN12 SPM D . -42.45 -26.52 -13.99
H21 SPM D . -39.77 -27.00 -13.68
H22 SPM D . -40.84 -27.22 -12.53
H31 SPM D . -41.29 -24.92 -12.49
H32 SPM D . -40.22 -24.69 -13.64
H41 SPM D . -39.30 -24.10 -11.58
H42 SPM D . -38.50 -25.32 -12.20
HN5 SPM D . -40.42 -25.55 -10.28
H61 SPM D . -37.77 -26.11 -9.91
H62 SPM D . -38.89 -26.35 -8.81
H71 SPM D . -38.24 -24.39 -8.08
H72 SPM D . -39.25 -23.84 -9.17
H81 SPM D . -37.35 -22.66 -9.53
H82 SPM D . -37.36 -23.73 -10.70
H91 SPM D . -35.85 -25.08 -9.43
H92 SPM D . -35.80 -23.95 -8.33
HN0 SPM D . -34.96 -22.56 -9.96
H111 SPM D . -32.84 -23.39 -10.23
H112 SPM D . -33.35 -24.74 -9.60
H121 SPM D . -33.71 -23.75 -7.56
H122 SPM D . -33.50 -22.32 -8.16
H131 SPM D . -31.63 -22.95 -6.91
H132 SPM D . -31.23 -22.72 -8.43
HN41 SPM D . -31.65 -25.20 -7.36
HN42 SPM D . -31.24 -24.98 -8.70
#